data_2P6U
#
_entry.id   2P6U
#
_cell.length_a   136.150
_cell.length_b   136.150
_cell.length_c   230.820
_cell.angle_alpha   90.00
_cell.angle_beta   90.00
_cell.angle_gamma   120.00
#
_symmetry.space_group_name_H-M   'P 61 2 2'
#
loop_
_entity.id
_entity.type
_entity.pdbx_description
1 polymer 'afuHEL308 HELICASE'
2 non-polymer 'PHOSPHATE ION'
#
_entity_poly.entity_id   1
_entity_poly.type   'polypeptide(L)'
_entity_poly.pdbx_seq_one_letter_code
;MKVEELAESISSYAVGILKEEGIEELFPPQAEAVEKVFSGKNLLLAMPTAAGKTLLAEMAMVREAIKGGKSLYVVPLRAL
AGEKYESFKKWEKIGLRIGISTGDYESRDEHLGDCDIIVTTSEKADSLIRNRASWIKAVSCLVVDEIHLLDSEKRGATLE
ILVTKMRRMNKALRVIGLSATAPNVTEIAEWLDADYYVSDWRPVPLVEGVLCEGTLELFDGAFSTSRRVKFEELVEECVA
ENGGVLVFESTRRGAEKTAVKLSAITAKYVENEGLEKAILEENEGEMSRKLAECVRKGAAFHHAGLLNGQRRVVEDAFRR
GNIKVVVATPTLAAGVNLPARRVIVRSLYRFDGYSKRIKVSEYKQMAGRAGRPGMDERGEAIIIVGKRDREIAVKRYIFG
EPERITSKLGVETHLRFHSLSIICDGYAKTLEELEDFFADTFFFKQNEISLSYELERVVRQLENWGMVVEAAHLAPTKLG
SLVSRLYIDPLTGFIFHDVLSRMELSDIGALHLICRTPDMERLTVRKTDSWVEEEAFRLRKELSYYPSDFSVEYDWFLSE
VKTALCLKDWIEEKDEDEICAKYGIAPGDLRRIVETAEWLSNAMNRIAEEVGNTSVSGLTERIKHGVKEELLELVRIRHI
GRVRARKLYNAGIRNAEDIVRHREKVASLIGRGIAERVVEGISVKSLNPESAAALEHHHHHH
;
_entity_poly.pdbx_strand_id   A
#
loop_
_chem_comp.id
_chem_comp.type
_chem_comp.name
_chem_comp.formula
PO4 non-polymer 'PHOSPHATE ION' 'O4 P -3'
#
# COMPACT_ATOMS: atom_id res chain seq x y z
N MET A 1 -16.80 -30.01 23.51
CA MET A 1 -15.74 -28.98 23.42
C MET A 1 -16.26 -27.61 23.81
N LYS A 2 -15.86 -27.15 25.00
CA LYS A 2 -16.27 -25.84 25.50
C LYS A 2 -15.30 -24.86 24.85
N VAL A 3 -15.66 -24.42 23.64
CA VAL A 3 -14.84 -23.52 22.84
C VAL A 3 -14.22 -22.31 23.56
N GLU A 4 -15.01 -21.67 24.41
CA GLU A 4 -14.53 -20.50 25.15
C GLU A 4 -13.20 -20.85 25.84
N GLU A 5 -13.21 -21.97 26.56
CA GLU A 5 -12.03 -22.48 27.27
C GLU A 5 -10.79 -22.56 26.39
N LEU A 6 -10.92 -23.29 25.29
CA LEU A 6 -9.83 -23.48 24.35
C LEU A 6 -9.27 -22.14 23.91
N ALA A 7 -10.15 -21.34 23.33
CA ALA A 7 -9.78 -20.02 22.84
C ALA A 7 -8.88 -19.31 23.85
N GLU A 8 -9.40 -19.17 25.07
CA GLU A 8 -8.68 -18.51 26.15
C GLU A 8 -7.28 -19.10 26.33
N SER A 9 -7.24 -20.37 26.70
CA SER A 9 -5.99 -21.08 26.91
C SER A 9 -5.02 -20.82 25.78
N ILE A 10 -5.51 -21.00 24.56
CA ILE A 10 -4.70 -20.82 23.37
C ILE A 10 -4.11 -19.42 23.24
N SER A 11 -4.94 -18.40 23.35
CA SER A 11 -4.46 -17.02 23.26
C SER A 11 -3.35 -16.77 24.29
N SER A 12 -3.71 -16.90 25.57
CA SER A 12 -2.80 -16.69 26.68
C SER A 12 -1.41 -17.23 26.42
N TYR A 13 -1.32 -18.49 25.99
CA TYR A 13 -0.02 -19.10 25.72
C TYR A 13 0.85 -18.20 24.85
N ALA A 14 0.42 -17.98 23.62
CA ALA A 14 1.14 -17.14 22.68
C ALA A 14 1.25 -15.69 23.13
N VAL A 15 0.12 -15.06 23.44
CA VAL A 15 0.15 -13.66 23.89
C VAL A 15 0.60 -13.63 25.35
N GLY A 16 -0.32 -13.98 26.24
CA GLY A 16 0.00 -14.01 27.66
C GLY A 16 0.08 -12.66 28.32
N ILE A 17 1.03 -11.85 27.91
CA ILE A 17 1.22 -10.52 28.48
C ILE A 17 1.60 -9.48 27.42
N LEU A 26 -9.44 -8.53 25.72
CA LEU A 26 -8.54 -8.53 24.56
C LEU A 26 -9.24 -9.08 23.31
N PHE A 27 -10.49 -9.51 23.50
CA PHE A 27 -11.35 -10.00 22.43
C PHE A 27 -12.78 -10.22 22.97
N PRO A 28 -13.79 -9.85 22.18
CA PRO A 28 -15.24 -9.92 22.45
C PRO A 28 -15.72 -10.63 23.72
N PRO A 29 -16.74 -10.03 24.37
CA PRO A 29 -17.39 -10.47 25.61
C PRO A 29 -18.08 -11.84 25.59
N GLN A 30 -19.01 -12.02 24.67
CA GLN A 30 -19.77 -13.27 24.62
C GLN A 30 -19.27 -14.28 23.59
N ALA A 31 -19.63 -15.53 23.86
CA ALA A 31 -19.24 -16.70 23.07
C ALA A 31 -19.41 -16.57 21.56
N GLU A 32 -20.57 -16.12 21.11
CA GLU A 32 -20.84 -15.98 19.68
C GLU A 32 -19.58 -15.90 18.84
N ALA A 33 -18.76 -14.88 19.07
CA ALA A 33 -17.52 -14.70 18.32
C ALA A 33 -16.70 -15.99 18.25
N VAL A 34 -16.20 -16.41 19.39
CA VAL A 34 -15.40 -17.62 19.48
C VAL A 34 -16.19 -18.81 18.96
N GLU A 35 -17.43 -18.92 19.41
CA GLU A 35 -18.31 -19.99 19.00
C GLU A 35 -18.28 -20.15 17.48
N LYS A 36 -18.33 -19.03 16.76
CA LYS A 36 -18.33 -19.07 15.30
C LYS A 36 -16.95 -19.30 14.74
N VAL A 37 -15.98 -18.55 15.23
CA VAL A 37 -14.60 -18.69 14.77
C VAL A 37 -14.26 -20.18 14.67
N PHE A 38 -14.60 -20.95 15.70
CA PHE A 38 -14.31 -22.37 15.71
C PHE A 38 -15.31 -23.25 14.96
N SER A 39 -16.39 -22.65 14.46
CA SER A 39 -17.41 -23.41 13.73
C SER A 39 -16.92 -24.05 12.45
N GLY A 40 -16.07 -23.34 11.72
CA GLY A 40 -15.56 -23.88 10.47
C GLY A 40 -16.33 -23.38 9.26
N LYS A 41 -17.36 -22.58 9.52
CA LYS A 41 -18.15 -22.05 8.44
C LYS A 41 -17.56 -20.71 8.04
N ASN A 42 -17.90 -20.23 6.84
CA ASN A 42 -17.43 -18.93 6.38
C ASN A 42 -17.95 -17.97 7.43
N LEU A 43 -17.15 -16.97 7.73
CA LEU A 43 -17.54 -16.05 8.78
C LEU A 43 -17.06 -14.64 8.54
N LEU A 44 -17.97 -13.69 8.71
CA LEU A 44 -17.60 -12.30 8.54
C LEU A 44 -17.66 -11.59 9.86
N LEU A 45 -16.55 -11.03 10.28
CA LEU A 45 -16.51 -10.31 11.52
C LEU A 45 -16.43 -8.82 11.20
N ALA A 46 -17.37 -8.08 11.77
CA ALA A 46 -17.41 -6.65 11.57
C ALA A 46 -17.29 -5.98 12.93
N MET A 47 -16.13 -5.37 13.17
CA MET A 47 -15.88 -4.67 14.42
C MET A 47 -15.15 -3.41 14.05
N PRO A 48 -15.09 -2.43 14.96
CA PRO A 48 -14.42 -1.14 14.75
C PRO A 48 -12.90 -1.20 14.70
N THR A 49 -12.30 -1.33 15.88
CA THR A 49 -10.86 -1.40 16.00
C THR A 49 -10.41 -2.76 15.49
N ALA A 50 -9.28 -2.78 14.79
CA ALA A 50 -8.75 -4.02 14.26
C ALA A 50 -8.46 -4.99 15.41
N ALA A 51 -8.23 -4.42 16.58
CA ALA A 51 -7.94 -5.13 17.81
C ALA A 51 -8.46 -6.59 17.93
N GLY A 52 -9.64 -6.74 18.55
CA GLY A 52 -10.21 -8.07 18.74
C GLY A 52 -10.47 -8.82 17.45
N LYS A 53 -10.71 -8.06 16.39
CA LYS A 53 -10.99 -8.63 15.09
C LYS A 53 -9.86 -9.60 14.69
N THR A 54 -8.62 -9.14 14.82
CA THR A 54 -7.47 -9.94 14.43
C THR A 54 -7.17 -11.19 15.28
N LEU A 55 -7.33 -11.11 16.60
CA LEU A 55 -7.05 -12.29 17.40
C LEU A 55 -8.03 -13.43 17.11
N LEU A 56 -9.28 -13.06 16.79
CA LEU A 56 -10.28 -14.07 16.47
C LEU A 56 -9.86 -14.75 15.18
N ALA A 57 -9.39 -13.96 14.23
CA ALA A 57 -8.96 -14.49 12.95
C ALA A 57 -7.76 -15.38 13.19
N GLU A 58 -6.84 -14.89 14.01
CA GLU A 58 -5.62 -15.64 14.34
C GLU A 58 -5.96 -17.01 14.92
N MET A 59 -6.86 -17.01 15.88
CA MET A 59 -7.31 -18.26 16.49
C MET A 59 -7.86 -19.11 15.36
N ALA A 60 -8.69 -18.48 14.54
CA ALA A 60 -9.29 -19.16 13.42
C ALA A 60 -8.19 -19.92 12.72
N MET A 61 -7.08 -19.24 12.45
CA MET A 61 -5.96 -19.87 11.76
C MET A 61 -5.29 -20.97 12.59
N VAL A 62 -4.96 -20.63 13.83
CA VAL A 62 -4.33 -21.57 14.75
C VAL A 62 -5.09 -22.88 14.69
N ARG A 63 -6.41 -22.78 14.80
CA ARG A 63 -7.25 -23.96 14.75
C ARG A 63 -7.08 -24.69 13.42
N GLU A 64 -7.35 -23.98 12.33
CA GLU A 64 -7.24 -24.56 10.99
C GLU A 64 -5.92 -25.28 10.82
N ALA A 65 -4.85 -24.71 11.38
CA ALA A 65 -3.51 -25.29 11.30
C ALA A 65 -3.51 -26.65 11.97
N ILE A 66 -3.95 -26.67 13.22
CA ILE A 66 -4.02 -27.89 14.02
C ILE A 66 -4.83 -28.97 13.30
N LYS A 67 -5.85 -28.55 12.55
CA LYS A 67 -6.69 -29.48 11.82
C LYS A 67 -5.86 -30.05 10.70
N GLY A 68 -4.76 -29.35 10.39
CA GLY A 68 -3.87 -29.77 9.32
C GLY A 68 -4.14 -29.00 8.04
N GLY A 69 -4.71 -27.81 8.20
CA GLY A 69 -5.00 -27.00 7.04
C GLY A 69 -3.95 -25.92 6.84
N LYS A 70 -4.26 -24.95 5.99
CA LYS A 70 -3.36 -23.84 5.70
C LYS A 70 -4.16 -22.56 5.49
N SER A 71 -3.71 -21.46 6.10
CA SER A 71 -4.41 -20.19 5.97
C SER A 71 -3.61 -19.18 5.17
N LEU A 72 -4.31 -18.34 4.42
CA LEU A 72 -3.65 -17.33 3.61
C LEU A 72 -4.23 -15.98 4.00
N TYR A 73 -3.63 -15.33 4.97
CA TYR A 73 -4.10 -14.02 5.41
C TYR A 73 -3.77 -13.03 4.31
N VAL A 74 -4.80 -12.30 3.88
CA VAL A 74 -4.64 -11.33 2.81
C VAL A 74 -4.81 -9.95 3.37
N VAL A 75 -4.02 -9.02 2.86
CA VAL A 75 -4.07 -7.64 3.32
C VAL A 75 -4.00 -6.76 2.08
N PRO A 76 -4.51 -5.53 2.17
CA PRO A 76 -4.50 -4.59 1.04
C PRO A 76 -3.13 -3.94 0.77
N LEU A 77 -2.52 -3.32 1.78
CA LEU A 77 -1.23 -2.65 1.59
C LEU A 77 -0.02 -3.51 1.93
N ARG A 78 1.06 -3.31 1.17
CA ARG A 78 2.29 -4.06 1.37
C ARG A 78 2.84 -3.73 2.78
N ALA A 79 2.43 -2.57 3.30
CA ALA A 79 2.83 -2.11 4.63
C ALA A 79 2.34 -3.09 5.71
N LEU A 80 1.03 -3.14 5.89
CA LEU A 80 0.40 -4.03 6.88
C LEU A 80 0.99 -5.44 6.82
N ALA A 81 1.18 -5.92 5.60
CA ALA A 81 1.72 -7.25 5.36
C ALA A 81 2.81 -7.59 6.38
N GLY A 82 3.80 -6.71 6.46
CA GLY A 82 4.89 -6.92 7.40
C GLY A 82 4.43 -6.85 8.84
N GLU A 83 3.61 -5.85 9.16
CA GLU A 83 3.10 -5.68 10.50
C GLU A 83 2.37 -6.92 10.98
N LYS A 84 1.49 -7.44 10.14
CA LYS A 84 0.72 -8.64 10.47
C LYS A 84 1.64 -9.83 10.52
N TYR A 85 2.57 -9.90 9.58
CA TYR A 85 3.51 -11.00 9.52
C TYR A 85 4.22 -11.17 10.84
N GLU A 86 4.89 -10.12 11.28
CA GLU A 86 5.59 -10.17 12.54
C GLU A 86 4.59 -10.62 13.61
N SER A 87 3.47 -9.92 13.66
CA SER A 87 2.42 -10.20 14.63
C SER A 87 2.02 -11.66 14.75
N PHE A 88 2.17 -12.41 13.66
CA PHE A 88 1.80 -13.81 13.70
C PHE A 88 2.93 -14.69 14.16
N LYS A 89 4.14 -14.18 14.19
CA LYS A 89 5.29 -14.97 14.62
C LYS A 89 5.05 -15.44 16.04
N LYS A 90 4.11 -14.76 16.69
CA LYS A 90 3.72 -15.07 18.05
C LYS A 90 3.33 -16.54 18.18
N TRP A 91 2.69 -17.09 17.16
CA TRP A 91 2.26 -18.48 17.18
C TRP A 91 3.34 -19.48 16.83
N GLU A 92 4.59 -19.06 16.94
CA GLU A 92 5.66 -19.98 16.64
C GLU A 92 5.82 -20.90 17.85
N LYS A 93 5.50 -20.37 19.03
CA LYS A 93 5.57 -21.13 20.28
C LYS A 93 4.71 -22.39 20.17
N ILE A 94 3.76 -22.37 19.25
CA ILE A 94 2.85 -23.49 19.07
C ILE A 94 3.24 -24.32 17.86
N GLY A 95 4.31 -23.94 17.18
CA GLY A 95 4.76 -24.71 16.03
C GLY A 95 4.15 -24.29 14.70
N LEU A 96 3.48 -23.14 14.66
CA LEU A 96 2.94 -22.69 13.40
C LEU A 96 4.15 -22.07 12.72
N ARG A 97 4.20 -22.15 11.40
CA ARG A 97 5.31 -21.57 10.70
C ARG A 97 4.74 -20.48 9.78
N ILE A 98 5.03 -19.23 10.13
CA ILE A 98 4.56 -18.08 9.37
C ILE A 98 5.50 -17.74 8.21
N GLY A 99 4.91 -17.25 7.12
CA GLY A 99 5.68 -16.89 5.94
C GLY A 99 5.02 -15.68 5.32
N ILE A 100 5.78 -14.93 4.52
CA ILE A 100 5.24 -13.74 3.88
C ILE A 100 5.82 -13.56 2.50
N SER A 101 5.05 -12.97 1.61
CA SER A 101 5.50 -12.72 0.25
C SER A 101 4.92 -11.42 -0.26
N THR A 102 5.79 -10.49 -0.63
CA THR A 102 5.34 -9.20 -1.13
C THR A 102 6.27 -8.59 -2.19
N GLY A 103 5.69 -8.17 -3.30
CA GLY A 103 6.46 -7.50 -4.34
C GLY A 103 7.01 -8.28 -5.52
N ASP A 104 7.06 -9.61 -5.37
CA ASP A 104 7.57 -10.45 -6.45
C ASP A 104 6.38 -11.05 -7.20
N TYR A 105 6.18 -10.66 -8.45
CA TYR A 105 5.04 -11.23 -9.16
C TYR A 105 5.32 -12.49 -9.95
N GLU A 106 6.22 -12.41 -10.93
CA GLU A 106 6.57 -13.58 -11.75
C GLU A 106 7.35 -14.63 -10.98
N SER A 107 6.70 -15.21 -9.97
CA SER A 107 7.29 -16.26 -9.14
C SER A 107 6.18 -16.99 -8.39
N ARG A 108 6.34 -18.29 -8.23
CA ARG A 108 5.34 -19.10 -7.55
C ARG A 108 5.61 -19.21 -6.05
N ASP A 109 6.75 -18.66 -5.60
CA ASP A 109 7.11 -18.68 -4.19
C ASP A 109 6.78 -20.01 -3.53
N GLU A 110 7.24 -21.10 -4.16
CA GLU A 110 7.00 -22.46 -3.67
C GLU A 110 7.53 -22.74 -2.28
N HIS A 111 8.38 -21.85 -1.76
CA HIS A 111 8.95 -22.03 -0.43
C HIS A 111 7.94 -21.74 0.68
N LEU A 112 6.99 -20.87 0.39
CA LEU A 112 5.94 -20.52 1.34
C LEU A 112 5.06 -21.76 1.56
N GLY A 113 4.88 -22.52 0.48
CA GLY A 113 4.09 -23.73 0.47
C GLY A 113 4.13 -24.57 1.73
N ASP A 114 5.13 -24.37 2.57
CA ASP A 114 5.19 -25.14 3.79
C ASP A 114 5.11 -24.22 5.00
N CYS A 115 4.15 -23.32 4.96
CA CYS A 115 3.90 -22.41 6.05
C CYS A 115 2.46 -22.64 6.46
N ASP A 116 2.13 -22.31 7.70
CA ASP A 116 0.76 -22.52 8.18
C ASP A 116 -0.07 -21.28 7.93
N ILE A 117 0.58 -20.13 8.04
CA ILE A 117 -0.07 -18.87 7.76
C ILE A 117 0.86 -18.14 6.78
N ILE A 118 0.29 -17.70 5.66
CA ILE A 118 1.03 -17.00 4.62
C ILE A 118 0.44 -15.62 4.41
N VAL A 119 1.06 -14.60 4.97
CA VAL A 119 0.55 -13.23 4.78
C VAL A 119 1.09 -12.62 3.48
N THR A 120 0.22 -11.95 2.73
CA THR A 120 0.61 -11.30 1.48
C THR A 120 -0.47 -10.28 1.19
N THR A 121 -0.45 -9.68 0.03
CA THR A 121 -1.50 -8.72 -0.30
C THR A 121 -2.47 -9.32 -1.31
N SER A 122 -3.61 -8.65 -1.46
CA SER A 122 -4.66 -9.07 -2.37
C SER A 122 -4.07 -9.31 -3.76
N GLU A 123 -3.32 -8.32 -4.24
CA GLU A 123 -2.71 -8.41 -5.56
C GLU A 123 -1.74 -9.56 -5.64
N LYS A 124 -0.85 -9.64 -4.66
CA LYS A 124 0.15 -10.69 -4.65
C LYS A 124 -0.51 -12.06 -4.70
N ALA A 125 -1.64 -12.18 -4.00
CA ALA A 125 -2.39 -13.42 -3.98
C ALA A 125 -2.93 -13.69 -5.39
N ASP A 126 -3.61 -12.70 -5.95
CA ASP A 126 -4.17 -12.84 -7.28
C ASP A 126 -3.06 -13.28 -8.22
N SER A 127 -1.92 -12.61 -8.12
CA SER A 127 -0.77 -12.94 -8.95
C SER A 127 -0.35 -14.39 -8.75
N LEU A 128 -0.02 -14.73 -7.51
CA LEU A 128 0.37 -16.10 -7.19
C LEU A 128 -0.57 -17.08 -7.88
N ILE A 129 -1.85 -16.72 -7.94
CA ILE A 129 -2.85 -17.57 -8.58
C ILE A 129 -2.62 -17.62 -10.09
N ARG A 130 -2.50 -16.45 -10.71
CA ARG A 130 -2.26 -16.39 -12.15
C ARG A 130 -1.01 -17.19 -12.47
N ASN A 131 0.02 -16.99 -11.65
CA ASN A 131 1.30 -17.68 -11.84
C ASN A 131 1.28 -19.12 -11.38
N ARG A 132 0.08 -19.63 -11.13
CA ARG A 132 -0.12 -21.01 -10.73
C ARG A 132 0.77 -21.58 -9.63
N ALA A 133 0.92 -20.85 -8.52
CA ALA A 133 1.73 -21.36 -7.41
C ALA A 133 1.11 -22.71 -7.05
N SER A 134 1.93 -23.66 -6.63
CA SER A 134 1.37 -24.96 -6.32
C SER A 134 0.73 -25.03 -4.96
N TRP A 135 1.15 -24.17 -4.04
CA TRP A 135 0.59 -24.23 -2.69
C TRP A 135 -0.81 -23.69 -2.54
N ILE A 136 -1.18 -22.77 -3.42
CA ILE A 136 -2.51 -22.19 -3.38
C ILE A 136 -3.56 -23.30 -3.25
N LYS A 137 -3.45 -24.31 -4.11
CA LYS A 137 -4.39 -25.42 -4.07
C LYS A 137 -4.40 -26.08 -2.71
N ALA A 138 -3.44 -25.76 -1.87
CA ALA A 138 -3.38 -26.36 -0.55
C ALA A 138 -4.04 -25.47 0.50
N VAL A 139 -4.23 -24.19 0.17
CA VAL A 139 -4.84 -23.24 1.11
C VAL A 139 -6.29 -23.67 1.37
N SER A 140 -6.59 -23.89 2.65
CA SER A 140 -7.91 -24.34 3.09
C SER A 140 -8.76 -23.22 3.68
N CYS A 141 -8.11 -22.18 4.18
CA CYS A 141 -8.83 -21.07 4.78
C CYS A 141 -8.22 -19.76 4.32
N LEU A 142 -9.05 -18.91 3.76
CA LEU A 142 -8.62 -17.61 3.26
C LEU A 142 -9.21 -16.52 4.14
N VAL A 143 -8.34 -15.74 4.77
CA VAL A 143 -8.84 -14.67 5.62
C VAL A 143 -8.62 -13.37 4.87
N VAL A 144 -9.70 -12.63 4.63
CA VAL A 144 -9.61 -11.35 3.94
C VAL A 144 -9.73 -10.20 4.91
N ASP A 145 -8.59 -9.66 5.32
CA ASP A 145 -8.62 -8.53 6.24
C ASP A 145 -9.12 -7.29 5.51
N GLU A 146 -9.59 -6.32 6.29
CA GLU A 146 -10.13 -5.08 5.76
C GLU A 146 -11.00 -5.26 4.54
N ILE A 147 -11.92 -6.23 4.63
CA ILE A 147 -12.79 -6.53 3.53
C ILE A 147 -13.78 -5.42 3.19
N HIS A 148 -13.96 -4.48 4.11
CA HIS A 148 -14.87 -3.36 3.86
C HIS A 148 -14.26 -2.53 2.74
N LEU A 149 -12.98 -2.73 2.45
CA LEU A 149 -12.31 -2.02 1.36
C LEU A 149 -12.89 -2.45 0.02
N LEU A 150 -13.95 -3.25 0.09
CA LEU A 150 -14.65 -3.76 -1.08
C LEU A 150 -15.31 -2.55 -1.75
N ASP A 151 -15.41 -1.50 -0.96
CA ASP A 151 -16.00 -0.26 -1.42
C ASP A 151 -14.95 0.59 -2.11
N SER A 152 -13.69 0.18 -1.96
CA SER A 152 -12.57 0.92 -2.55
C SER A 152 -12.43 0.87 -4.06
N GLU A 153 -12.63 2.04 -4.68
CA GLU A 153 -12.54 2.21 -6.13
C GLU A 153 -11.24 1.66 -6.70
N LYS A 154 -10.20 1.60 -5.87
CA LYS A 154 -8.90 1.11 -6.28
C LYS A 154 -8.72 -0.35 -5.91
N ARG A 155 -9.02 -0.66 -4.66
CA ARG A 155 -8.87 -2.01 -4.15
C ARG A 155 -9.98 -3.01 -4.39
N GLY A 156 -11.21 -2.61 -4.07
CA GLY A 156 -12.36 -3.47 -4.22
C GLY A 156 -12.30 -4.61 -5.23
N ALA A 157 -12.27 -4.24 -6.52
CA ALA A 157 -12.26 -5.18 -7.64
C ALA A 157 -11.41 -6.44 -7.46
N THR A 158 -10.17 -6.29 -6.97
CA THR A 158 -9.29 -7.44 -6.78
C THR A 158 -9.83 -8.33 -5.70
N LEU A 159 -10.36 -7.71 -4.65
CA LEU A 159 -10.93 -8.48 -3.55
C LEU A 159 -12.06 -9.36 -4.08
N GLU A 160 -13.00 -8.75 -4.80
CA GLU A 160 -14.11 -9.51 -5.36
C GLU A 160 -13.60 -10.66 -6.25
N ILE A 161 -12.67 -10.36 -7.15
CA ILE A 161 -12.15 -11.38 -8.03
C ILE A 161 -11.32 -12.47 -7.32
N LEU A 162 -10.45 -12.04 -6.42
CA LEU A 162 -9.59 -12.97 -5.68
C LEU A 162 -10.50 -13.99 -5.03
N VAL A 163 -11.33 -13.50 -4.12
CA VAL A 163 -12.28 -14.34 -3.41
C VAL A 163 -13.00 -15.29 -4.35
N THR A 164 -13.62 -14.75 -5.40
CA THR A 164 -14.31 -15.59 -6.34
C THR A 164 -13.40 -16.66 -6.91
N LYS A 165 -12.35 -16.27 -7.63
CA LYS A 165 -11.41 -17.24 -8.22
C LYS A 165 -11.08 -18.34 -7.23
N MET A 166 -10.71 -17.95 -6.01
CA MET A 166 -10.35 -18.90 -4.97
C MET A 166 -11.49 -19.83 -4.56
N ARG A 167 -12.67 -19.26 -4.39
CA ARG A 167 -13.81 -20.06 -4.02
C ARG A 167 -14.13 -21.03 -5.14
N ARG A 168 -14.22 -20.53 -6.36
CA ARG A 168 -14.51 -21.38 -7.50
C ARG A 168 -13.51 -22.50 -7.64
N MET A 169 -12.31 -22.29 -7.11
CA MET A 169 -11.28 -23.31 -7.21
C MET A 169 -11.47 -24.38 -6.16
N ASN A 170 -11.76 -23.97 -4.93
CA ASN A 170 -11.96 -24.93 -3.86
C ASN A 170 -13.29 -24.73 -3.14
N LYS A 171 -14.24 -25.65 -3.35
CA LYS A 171 -15.53 -25.54 -2.69
C LYS A 171 -15.35 -25.65 -1.16
N ALA A 172 -14.39 -26.47 -0.74
CA ALA A 172 -14.10 -26.66 0.66
C ALA A 172 -13.35 -25.47 1.28
N LEU A 173 -13.05 -24.45 0.48
CA LEU A 173 -12.34 -23.30 1.03
C LEU A 173 -13.21 -22.56 2.06
N ARG A 174 -12.62 -22.20 3.19
CA ARG A 174 -13.35 -21.47 4.24
C ARG A 174 -12.95 -20.02 4.22
N VAL A 175 -13.84 -19.15 3.79
CA VAL A 175 -13.51 -17.75 3.75
C VAL A 175 -13.94 -17.02 5.03
N ILE A 176 -13.03 -16.21 5.57
CA ILE A 176 -13.26 -15.43 6.78
C ILE A 176 -12.96 -13.97 6.46
N GLY A 177 -14.00 -13.15 6.35
CA GLY A 177 -13.78 -11.75 6.07
C GLY A 177 -13.78 -10.94 7.35
N LEU A 178 -12.90 -9.95 7.44
CA LEU A 178 -12.80 -9.08 8.61
C LEU A 178 -13.01 -7.67 8.14
N SER A 179 -14.02 -6.97 8.68
CA SER A 179 -14.25 -5.60 8.23
C SER A 179 -14.61 -4.62 9.31
N ALA A 180 -14.48 -3.34 8.97
CA ALA A 180 -14.84 -2.27 9.88
C ALA A 180 -16.36 -2.24 9.93
N THR A 181 -16.90 -1.48 10.86
CA THR A 181 -18.35 -1.40 10.99
C THR A 181 -18.98 -0.62 9.86
N ALA A 182 -20.03 -1.20 9.29
CA ALA A 182 -20.76 -0.57 8.20
C ALA A 182 -22.14 -1.21 8.21
N PRO A 183 -23.14 -0.52 7.64
CA PRO A 183 -24.50 -1.05 7.61
C PRO A 183 -24.73 -2.32 6.78
N ASN A 184 -24.29 -2.32 5.53
CA ASN A 184 -24.53 -3.51 4.71
C ASN A 184 -23.58 -4.69 4.86
N VAL A 185 -22.73 -4.64 5.87
CA VAL A 185 -21.76 -5.72 6.10
C VAL A 185 -22.43 -7.09 6.07
N THR A 186 -23.73 -7.13 6.35
CA THR A 186 -24.43 -8.40 6.35
C THR A 186 -24.58 -8.97 4.93
N GLU A 187 -24.83 -8.09 3.95
CA GLU A 187 -24.97 -8.59 2.59
C GLU A 187 -23.63 -9.15 2.13
N ILE A 188 -22.54 -8.62 2.66
CA ILE A 188 -21.21 -9.14 2.35
C ILE A 188 -21.20 -10.58 2.82
N ALA A 189 -21.60 -10.76 4.07
CA ALA A 189 -21.65 -12.06 4.69
C ALA A 189 -22.46 -12.99 3.83
N GLU A 190 -23.50 -12.45 3.21
CA GLU A 190 -24.36 -13.25 2.34
C GLU A 190 -23.57 -13.65 1.10
N TRP A 191 -22.97 -12.66 0.45
CA TRP A 191 -22.18 -12.93 -0.73
C TRP A 191 -21.11 -13.97 -0.39
N LEU A 192 -20.69 -14.01 0.87
CA LEU A 192 -19.66 -14.96 1.33
C LEU A 192 -20.24 -16.23 1.90
N ASP A 193 -21.57 -16.27 2.09
CA ASP A 193 -22.25 -17.44 2.66
C ASP A 193 -21.67 -17.68 4.04
N ALA A 194 -21.64 -16.63 4.86
CA ALA A 194 -21.04 -16.74 6.18
C ALA A 194 -21.83 -16.19 7.35
N ASP A 195 -21.63 -16.83 8.50
CA ASP A 195 -22.27 -16.37 9.72
C ASP A 195 -21.56 -15.09 10.05
N TYR A 196 -22.28 -14.01 10.20
CA TYR A 196 -21.59 -12.79 10.54
C TYR A 196 -21.57 -12.66 12.03
N TYR A 197 -20.90 -11.63 12.51
CA TYR A 197 -20.81 -11.32 13.92
C TYR A 197 -20.46 -9.85 13.91
N VAL A 198 -21.35 -9.02 14.43
CA VAL A 198 -21.08 -7.61 14.43
C VAL A 198 -21.09 -7.05 15.84
N SER A 199 -20.30 -6.02 16.09
CA SER A 199 -20.24 -5.45 17.42
C SER A 199 -19.54 -4.09 17.46
N ASP A 200 -19.92 -3.26 18.42
CA ASP A 200 -19.32 -1.94 18.57
C ASP A 200 -18.29 -2.04 19.67
N TRP A 201 -18.11 -3.26 20.18
CA TRP A 201 -17.19 -3.48 21.26
C TRP A 201 -15.77 -3.03 20.96
N ARG A 202 -15.17 -2.40 21.96
CA ARG A 202 -13.82 -1.85 21.88
C ARG A 202 -13.15 -2.17 23.21
N PRO A 203 -11.88 -2.58 23.17
CA PRO A 203 -11.17 -2.91 24.41
C PRO A 203 -11.16 -1.68 25.32
N VAL A 204 -10.67 -0.58 24.77
CA VAL A 204 -10.61 0.68 25.46
C VAL A 204 -11.67 1.61 24.90
N PRO A 205 -12.71 1.91 25.69
CA PRO A 205 -13.79 2.79 25.25
C PRO A 205 -13.29 4.08 24.57
N LEU A 206 -14.15 4.66 23.73
CA LEU A 206 -13.81 5.88 23.00
C LEU A 206 -14.81 7.00 23.24
N VAL A 207 -14.29 8.21 23.42
CA VAL A 207 -15.13 9.39 23.65
C VAL A 207 -14.91 10.33 22.47
N GLU A 208 -15.97 10.65 21.74
CA GLU A 208 -15.83 11.53 20.60
C GLU A 208 -16.32 12.94 20.90
N GLY A 209 -15.44 13.92 20.77
CA GLY A 209 -15.84 15.28 21.06
C GLY A 209 -15.43 16.31 20.02
N VAL A 210 -16.31 17.27 19.78
CA VAL A 210 -16.05 18.34 18.84
C VAL A 210 -15.49 19.56 19.59
N LEU A 211 -14.65 20.34 18.94
CA LEU A 211 -14.07 21.53 19.57
C LEU A 211 -14.46 22.78 18.79
N CYS A 212 -15.27 23.63 19.41
CA CYS A 212 -15.75 24.86 18.78
C CYS A 212 -15.40 26.07 19.64
N GLU A 213 -15.23 27.23 19.00
CA GLU A 213 -14.89 28.47 19.70
C GLU A 213 -14.52 28.30 21.18
N GLY A 214 -13.31 27.79 21.41
CA GLY A 214 -12.83 27.61 22.77
C GLY A 214 -13.51 26.55 23.62
N THR A 215 -14.55 25.92 23.10
CA THR A 215 -15.27 24.88 23.84
C THR A 215 -15.13 23.47 23.27
N LEU A 216 -14.88 22.52 24.16
CA LEU A 216 -14.73 21.12 23.79
C LEU A 216 -15.85 20.29 24.43
N GLU A 217 -16.77 19.82 23.61
CA GLU A 217 -17.88 19.03 24.12
C GLU A 217 -17.61 17.53 23.95
N LEU A 218 -17.20 16.88 25.03
CA LEU A 218 -16.94 15.45 24.98
C LEU A 218 -18.22 14.64 25.15
N PHE A 219 -18.46 13.69 24.25
CA PHE A 219 -19.66 12.87 24.34
C PHE A 219 -19.40 11.48 24.88
N ASP A 220 -19.94 11.21 26.07
CA ASP A 220 -19.81 9.90 26.70
C ASP A 220 -21.15 9.21 26.55
N GLY A 221 -21.36 8.62 25.37
CA GLY A 221 -22.60 7.93 25.10
C GLY A 221 -23.76 8.88 24.89
N ALA A 222 -24.55 9.07 25.93
CA ALA A 222 -25.73 9.93 25.87
C ALA A 222 -25.54 11.29 26.54
N PHE A 223 -24.46 11.41 27.30
CA PHE A 223 -24.16 12.66 28.01
C PHE A 223 -23.10 13.51 27.32
N SER A 224 -22.76 14.64 27.95
CA SER A 224 -21.76 15.57 27.42
C SER A 224 -21.08 16.37 28.53
N THR A 225 -19.92 16.94 28.21
CA THR A 225 -19.14 17.72 29.18
C THR A 225 -18.40 18.89 28.54
N SER A 226 -19.12 19.98 28.28
CA SER A 226 -18.49 21.17 27.69
C SER A 226 -17.41 21.74 28.62
N ARG A 227 -16.44 22.39 28.01
CA ARG A 227 -15.33 22.99 28.73
C ARG A 227 -14.67 24.00 27.82
N ARG A 228 -13.85 24.87 28.41
CA ARG A 228 -13.15 25.90 27.67
C ARG A 228 -11.68 25.50 27.55
N VAL A 229 -11.25 25.18 26.33
CA VAL A 229 -9.87 24.77 26.07
C VAL A 229 -9.40 25.13 24.67
N LYS A 230 -8.09 25.25 24.50
CA LYS A 230 -7.51 25.60 23.20
C LYS A 230 -6.66 24.48 22.62
N PHE A 231 -6.72 24.33 21.31
CA PHE A 231 -5.98 23.31 20.58
C PHE A 231 -4.61 23.04 21.20
N GLU A 232 -3.75 24.05 21.11
CA GLU A 232 -2.39 23.97 21.63
C GLU A 232 -2.32 23.32 23.01
N GLU A 233 -3.37 23.51 23.79
CA GLU A 233 -3.42 22.95 25.13
C GLU A 233 -3.81 21.47 25.11
N LEU A 234 -4.82 21.13 24.31
CA LEU A 234 -5.27 19.74 24.20
C LEU A 234 -4.09 18.86 23.88
N VAL A 235 -3.20 19.38 23.04
CA VAL A 235 -2.01 18.67 22.62
C VAL A 235 -1.09 18.48 23.82
N GLU A 236 -0.70 19.59 24.42
CA GLU A 236 0.20 19.56 25.56
C GLU A 236 -0.37 18.73 26.69
N GLU A 237 -1.68 18.85 26.92
CA GLU A 237 -2.33 18.10 27.99
C GLU A 237 -1.91 16.63 27.95
N CYS A 238 -2.22 15.95 26.85
CA CYS A 238 -1.85 14.54 26.71
C CYS A 238 -0.34 14.40 26.56
N VAL A 239 0.26 15.29 25.78
CA VAL A 239 1.71 15.29 25.57
C VAL A 239 2.34 15.28 26.95
N ALA A 240 1.85 16.19 27.79
CA ALA A 240 2.31 16.33 29.15
C ALA A 240 2.29 14.98 29.84
N GLU A 241 1.18 14.26 29.65
CA GLU A 241 1.01 12.95 30.25
C GLU A 241 1.74 11.85 29.48
N ASN A 242 2.16 12.15 28.25
CA ASN A 242 2.88 11.20 27.41
C ASN A 242 1.96 10.06 26.91
N GLY A 243 0.70 10.42 26.64
CA GLY A 243 -0.24 9.43 26.16
C GLY A 243 -0.23 9.38 24.65
N GLY A 244 0.43 10.36 24.04
CA GLY A 244 0.51 10.41 22.60
C GLY A 244 -0.66 11.08 21.93
N VAL A 245 -0.39 12.17 21.23
CA VAL A 245 -1.43 12.90 20.52
C VAL A 245 -1.17 12.70 19.03
N LEU A 246 -2.20 12.33 18.29
CA LEU A 246 -2.08 12.12 16.85
C LEU A 246 -3.00 13.12 16.16
N VAL A 247 -2.42 14.04 15.40
CA VAL A 247 -3.21 15.06 14.71
C VAL A 247 -3.36 14.74 13.23
N PHE A 248 -4.52 15.04 12.66
CA PHE A 248 -4.77 14.78 11.25
C PHE A 248 -5.10 16.03 10.43
N GLU A 249 -4.32 16.25 9.37
CA GLU A 249 -4.52 17.39 8.49
C GLU A 249 -4.72 16.88 7.05
N SER A 250 -5.48 17.63 6.25
CA SER A 250 -5.75 17.20 4.88
C SER A 250 -4.77 17.71 3.85
N THR A 251 -3.52 17.90 4.26
CA THR A 251 -2.54 18.41 3.32
C THR A 251 -1.15 17.99 3.72
N ARG A 252 -0.20 18.13 2.81
CA ARG A 252 1.17 17.79 3.12
C ARG A 252 1.78 19.02 3.76
N ARG A 253 1.52 20.18 3.17
CA ARG A 253 2.05 21.44 3.67
C ARG A 253 1.50 21.71 5.06
N GLY A 254 0.20 21.47 5.23
CA GLY A 254 -0.45 21.70 6.50
C GLY A 254 0.06 20.81 7.61
N ALA A 255 0.29 19.55 7.29
CA ALA A 255 0.78 18.62 8.28
C ALA A 255 2.16 19.04 8.76
N GLU A 256 3.05 19.39 7.82
CA GLU A 256 4.40 19.81 8.18
C GLU A 256 4.36 21.12 8.96
N LYS A 257 3.57 22.07 8.50
CA LYS A 257 3.45 23.37 9.16
C LYS A 257 3.13 23.19 10.64
N THR A 258 2.09 22.40 10.93
CA THR A 258 1.67 22.12 12.30
C THR A 258 2.66 21.24 13.04
N ALA A 259 3.16 20.23 12.35
CA ALA A 259 4.12 19.31 12.96
C ALA A 259 5.27 20.12 13.54
N VAL A 260 5.44 21.34 13.03
CA VAL A 260 6.49 22.25 13.47
C VAL A 260 6.10 22.98 14.76
N LYS A 261 5.03 23.78 14.68
CA LYS A 261 4.54 24.54 15.83
C LYS A 261 4.58 23.68 17.10
N LEU A 262 3.98 22.51 17.01
CA LEU A 262 3.94 21.59 18.14
C LEU A 262 5.33 21.23 18.64
N SER A 263 6.30 21.15 17.74
CA SER A 263 7.64 20.78 18.17
C SER A 263 8.11 21.73 19.26
N ALA A 264 7.60 22.97 19.21
CA ALA A 264 7.94 23.97 20.22
C ALA A 264 7.61 23.35 21.59
N ILE A 265 6.38 22.85 21.70
CA ILE A 265 5.89 22.23 22.92
C ILE A 265 6.61 20.92 23.21
N THR A 266 6.52 19.97 22.28
CA THR A 266 7.15 18.67 22.44
C THR A 266 8.64 18.78 22.71
N ALA A 267 9.23 19.93 22.38
CA ALA A 267 10.65 20.16 22.58
C ALA A 267 11.03 20.22 24.06
N LYS A 268 10.34 21.08 24.82
CA LYS A 268 10.60 21.25 26.25
C LYS A 268 10.34 19.99 27.07
N TYR A 269 9.89 18.92 26.44
CA TYR A 269 9.65 17.67 27.15
C TYR A 269 10.70 16.63 26.84
N VAL A 270 11.09 16.52 25.58
CA VAL A 270 12.10 15.55 25.18
C VAL A 270 13.06 16.14 24.16
N GLU A 271 14.29 15.64 24.15
CA GLU A 271 15.28 16.10 23.19
C GLU A 271 15.93 14.90 22.52
N ASN A 272 15.27 14.41 21.47
CA ASN A 272 15.80 13.28 20.71
C ASN A 272 16.82 13.81 19.72
N GLU A 273 18.09 13.68 20.08
CA GLU A 273 19.19 14.15 19.25
C GLU A 273 19.76 13.00 18.41
N GLY A 274 19.72 11.80 18.98
CA GLY A 274 20.23 10.63 18.27
C GLY A 274 19.29 10.24 17.15
N LEU A 275 18.01 10.57 17.32
CA LEU A 275 17.02 10.25 16.29
C LEU A 275 17.06 11.31 15.18
N GLU A 276 17.54 12.51 15.51
CA GLU A 276 17.65 13.57 14.53
C GLU A 276 18.63 13.10 13.46
N LYS A 277 19.60 12.29 13.88
CA LYS A 277 20.59 11.75 12.96
C LYS A 277 20.00 10.57 12.20
N ALA A 278 19.08 9.87 12.85
CA ALA A 278 18.41 8.70 12.26
C ALA A 278 17.62 9.07 11.02
N ILE A 279 17.12 10.30 10.99
CA ILE A 279 16.35 10.78 9.86
C ILE A 279 17.29 11.07 8.69
N LEU A 280 18.21 12.00 8.91
CA LEU A 280 19.16 12.38 7.88
C LEU A 280 20.03 11.23 7.38
N GLU A 281 20.01 10.11 8.10
CA GLU A 281 20.80 8.94 7.73
C GLU A 281 20.64 8.54 6.26
N GLU A 282 19.67 9.12 5.57
CA GLU A 282 19.44 8.75 4.18
C GLU A 282 19.27 9.92 3.21
N ASN A 283 18.61 10.98 3.68
CA ASN A 283 18.39 12.16 2.85
C ASN A 283 18.67 13.39 3.72
N GLU A 284 18.71 14.56 3.08
CA GLU A 284 18.94 15.82 3.79
C GLU A 284 18.19 16.91 3.04
N GLY A 285 18.42 18.16 3.42
CA GLY A 285 17.76 19.25 2.73
C GLY A 285 16.27 19.45 2.96
N GLU A 286 15.84 20.68 2.67
CA GLU A 286 14.45 21.14 2.81
C GLU A 286 13.50 20.25 3.63
N MET A 287 12.90 19.23 3.01
CA MET A 287 11.97 18.36 3.74
C MET A 287 12.62 17.60 4.89
N SER A 288 13.42 16.59 4.55
CA SER A 288 14.11 15.78 5.57
C SER A 288 14.74 16.69 6.62
N ARG A 289 15.08 17.90 6.21
CA ARG A 289 15.66 18.87 7.12
C ARG A 289 14.63 19.04 8.23
N LYS A 290 13.48 19.57 7.83
CA LYS A 290 12.37 19.83 8.74
C LYS A 290 12.03 18.65 9.65
N LEU A 291 11.67 17.52 9.06
CA LEU A 291 11.32 16.33 9.84
C LEU A 291 12.42 16.00 10.85
N ALA A 292 13.66 16.04 10.40
CA ALA A 292 14.79 15.74 11.25
C ALA A 292 14.80 16.48 12.58
N GLU A 293 14.95 17.80 12.53
CA GLU A 293 14.98 18.61 13.75
C GLU A 293 13.63 18.60 14.46
N CYS A 294 12.56 18.47 13.67
CA CYS A 294 11.21 18.43 14.23
C CYS A 294 11.18 17.30 15.25
N VAL A 295 11.70 16.15 14.83
CA VAL A 295 11.76 14.97 15.68
C VAL A 295 12.70 15.19 16.85
N ARG A 296 13.78 15.93 16.62
CA ARG A 296 14.74 16.18 17.69
C ARG A 296 14.00 16.83 18.85
N LYS A 297 12.90 17.49 18.51
CA LYS A 297 12.09 18.16 19.51
C LYS A 297 10.76 17.48 19.77
N GLY A 298 10.75 16.14 19.81
CA GLY A 298 9.53 15.38 20.06
C GLY A 298 8.51 15.21 18.93
N ALA A 299 8.08 16.32 18.32
CA ALA A 299 7.10 16.32 17.23
C ALA A 299 7.54 15.54 15.98
N ALA A 300 6.75 15.66 14.90
CA ALA A 300 7.01 14.99 13.63
C ALA A 300 5.78 15.02 12.72
N PHE A 301 5.98 14.88 11.42
CA PHE A 301 4.89 14.81 10.46
C PHE A 301 5.08 13.53 9.65
N HIS A 302 3.97 12.87 9.31
CA HIS A 302 4.01 11.60 8.61
C HIS A 302 3.17 11.60 7.35
N HIS A 303 3.82 11.66 6.19
CA HIS A 303 3.12 11.63 4.91
C HIS A 303 3.90 10.90 3.83
N ALA A 304 3.25 10.71 2.69
CA ALA A 304 3.86 9.99 1.57
C ALA A 304 5.18 10.59 1.09
N GLY A 305 5.47 11.81 1.53
CA GLY A 305 6.69 12.45 1.12
C GLY A 305 7.92 11.82 1.71
N LEU A 306 7.85 11.41 2.97
CA LEU A 306 9.00 10.79 3.63
C LEU A 306 9.37 9.49 2.94
N LEU A 307 10.48 8.88 3.36
CA LEU A 307 10.89 7.61 2.79
C LEU A 307 10.42 6.55 3.77
N ASN A 308 10.22 5.33 3.28
CA ASN A 308 9.77 4.27 4.17
C ASN A 308 10.66 4.17 5.39
N GLY A 309 11.87 4.71 5.27
CA GLY A 309 12.78 4.68 6.39
C GLY A 309 12.32 5.71 7.39
N GLN A 310 12.39 6.98 6.98
CA GLN A 310 11.97 8.08 7.82
C GLN A 310 10.61 7.82 8.46
N ARG A 311 9.75 7.09 7.76
CA ARG A 311 8.44 6.79 8.32
C ARG A 311 8.60 5.85 9.48
N ARG A 312 9.08 4.64 9.21
CA ARG A 312 9.25 3.66 10.28
C ARG A 312 10.08 4.15 11.45
N VAL A 313 10.86 5.21 11.24
CA VAL A 313 11.68 5.75 12.32
C VAL A 313 10.78 6.62 13.19
N VAL A 314 9.88 7.36 12.54
CA VAL A 314 8.95 8.23 13.24
C VAL A 314 7.85 7.40 13.91
N GLU A 315 7.51 6.29 13.29
CA GLU A 315 6.49 5.40 13.82
C GLU A 315 7.02 4.73 15.08
N ASP A 316 8.16 4.06 14.98
CA ASP A 316 8.77 3.38 16.13
C ASP A 316 8.97 4.35 17.29
N ALA A 317 9.36 5.58 16.99
CA ALA A 317 9.59 6.59 18.02
C ALA A 317 8.31 7.07 18.70
N PHE A 318 7.24 7.25 17.95
CA PHE A 318 5.99 7.68 18.54
C PHE A 318 5.46 6.57 19.42
N ARG A 319 5.79 5.33 19.07
CA ARG A 319 5.34 4.19 19.86
C ARG A 319 6.01 4.20 21.21
N ARG A 320 7.33 4.39 21.20
CA ARG A 320 8.11 4.40 22.44
C ARG A 320 7.92 5.65 23.29
N GLY A 321 7.44 6.72 22.67
CA GLY A 321 7.21 7.95 23.42
C GLY A 321 8.24 9.04 23.11
N ASN A 322 9.36 8.63 22.53
CA ASN A 322 10.43 9.56 22.17
C ASN A 322 9.75 10.69 21.43
N ILE A 323 8.79 10.32 20.58
CA ILE A 323 8.04 11.31 19.83
C ILE A 323 6.69 11.50 20.53
N LYS A 324 6.37 12.75 20.85
CA LYS A 324 5.13 13.05 21.55
C LYS A 324 3.95 13.35 20.63
N VAL A 325 4.22 13.87 19.45
CA VAL A 325 3.16 14.21 18.52
C VAL A 325 3.49 13.84 17.07
N VAL A 326 2.50 13.32 16.37
CA VAL A 326 2.67 12.96 14.97
C VAL A 326 1.53 13.56 14.15
N VAL A 327 1.87 14.51 13.28
CA VAL A 327 0.86 15.14 12.45
C VAL A 327 0.87 14.47 11.09
N ALA A 328 -0.17 13.69 10.80
CA ALA A 328 -0.29 12.98 9.54
C ALA A 328 -1.46 13.44 8.69
N THR A 329 -1.69 12.74 7.58
CA THR A 329 -2.78 13.03 6.66
C THR A 329 -3.65 11.78 6.53
N PRO A 330 -4.86 11.92 5.97
CA PRO A 330 -5.76 10.78 5.79
C PRO A 330 -5.12 9.56 5.14
N THR A 331 -4.02 9.79 4.44
CA THR A 331 -3.24 8.75 3.76
C THR A 331 -2.84 7.65 4.73
N LEU A 332 -2.82 8.02 6.00
CA LEU A 332 -2.45 7.09 7.05
C LEU A 332 -3.52 6.01 7.16
N VAL A 336 -1.44 1.38 9.30
CA VAL A 336 -0.24 1.71 10.08
C VAL A 336 -0.63 1.87 11.53
N ASN A 337 -0.06 1.07 12.40
CA ASN A 337 -0.42 1.16 13.80
C ASN A 337 0.30 2.30 14.56
N LEU A 338 -0.48 3.29 14.97
CA LEU A 338 0.02 4.42 15.73
C LEU A 338 -0.83 4.59 16.98
N PRO A 339 -0.38 3.99 18.09
CA PRO A 339 -1.08 4.04 19.37
C PRO A 339 -1.00 5.43 19.99
N ALA A 340 -2.14 5.96 20.38
CA ALA A 340 -2.17 7.28 20.99
C ALA A 340 -3.41 7.51 21.84
N ARG A 341 -3.22 8.21 22.95
CA ARG A 341 -4.33 8.52 23.83
C ARG A 341 -5.25 9.49 23.10
N ARG A 342 -4.73 10.69 22.85
CA ARG A 342 -5.48 11.73 22.17
C ARG A 342 -5.31 11.62 20.66
N VAL A 343 -6.35 12.06 19.94
CA VAL A 343 -6.35 12.07 18.48
C VAL A 343 -7.13 13.28 18.01
N ILE A 344 -6.43 14.31 17.58
CA ILE A 344 -7.10 15.50 17.08
C ILE A 344 -7.31 15.38 15.58
N VAL A 345 -8.40 15.95 15.08
CA VAL A 345 -8.67 15.95 13.66
C VAL A 345 -8.92 17.40 13.34
N ARG A 346 -7.90 18.06 12.80
CA ARG A 346 -7.95 19.46 12.45
C ARG A 346 -9.13 19.90 11.60
N SER A 347 -9.21 19.42 10.37
CA SER A 347 -10.32 19.82 9.51
C SER A 347 -11.26 18.68 9.26
N LEU A 348 -12.38 18.99 8.61
CA LEU A 348 -13.37 17.97 8.30
C LEU A 348 -13.52 17.79 6.80
N TYR A 349 -12.96 18.73 6.04
CA TYR A 349 -13.07 18.68 4.57
C TYR A 349 -11.78 18.19 3.94
N ARG A 350 -11.85 17.72 2.70
CA ARG A 350 -10.66 17.24 2.02
C ARG A 350 -10.23 18.15 0.86
N PHE A 351 -9.58 19.26 1.20
CA PHE A 351 -9.10 20.22 0.20
C PHE A 351 -8.05 19.57 -0.69
N LYS A 356 -16.19 19.23 -1.31
CA LYS A 356 -16.05 17.86 -0.81
C LYS A 356 -15.74 17.84 0.68
N ARG A 357 -16.03 16.71 1.32
CA ARG A 357 -15.81 16.55 2.75
C ARG A 357 -15.46 15.09 3.08
N ILE A 358 -14.73 14.93 4.18
CA ILE A 358 -14.30 13.62 4.65
C ILE A 358 -15.49 12.69 4.91
N LYS A 359 -15.33 11.42 4.55
CA LYS A 359 -16.39 10.43 4.76
C LYS A 359 -16.47 9.97 6.20
N VAL A 360 -17.69 9.70 6.68
CA VAL A 360 -17.88 9.23 8.04
C VAL A 360 -16.83 8.15 8.32
N SER A 361 -16.56 7.36 7.30
CA SER A 361 -15.59 6.29 7.38
C SER A 361 -14.20 6.78 7.81
N GLU A 362 -13.64 7.69 7.03
CA GLU A 362 -12.33 8.26 7.30
C GLU A 362 -12.28 8.78 8.72
N TYR A 363 -13.26 9.60 9.09
CA TYR A 363 -13.32 10.15 10.44
C TYR A 363 -13.35 9.02 11.47
N LYS A 364 -14.29 8.10 11.29
CA LYS A 364 -14.43 6.98 12.20
C LYS A 364 -13.10 6.27 12.37
N GLN A 365 -12.44 5.98 11.25
CA GLN A 365 -11.15 5.33 11.35
C GLN A 365 -10.20 6.20 12.16
N MET A 366 -10.07 7.47 11.77
CA MET A 366 -9.20 8.39 12.48
C MET A 366 -9.49 8.37 13.96
N ALA A 367 -10.74 8.59 14.32
CA ALA A 367 -11.11 8.57 15.73
C ALA A 367 -10.78 7.22 16.35
N GLY A 368 -11.06 6.15 15.62
CA GLY A 368 -10.80 4.81 16.12
C GLY A 368 -9.37 4.48 16.52
N ARG A 369 -8.53 5.49 16.60
CA ARG A 369 -7.15 5.29 16.99
C ARG A 369 -6.90 5.83 18.38
N ALA A 370 -7.91 6.47 18.95
CA ALA A 370 -7.84 7.07 20.28
C ALA A 370 -7.62 6.05 21.40
N GLY A 371 -8.09 4.83 21.19
CA GLY A 371 -7.87 3.80 22.19
C GLY A 371 -6.37 3.57 22.30
N ARG A 372 -5.88 3.35 23.52
CA ARG A 372 -4.45 3.12 23.77
C ARG A 372 -4.40 1.88 24.68
N PRO A 373 -4.97 0.75 24.21
CA PRO A 373 -5.05 -0.52 24.92
C PRO A 373 -3.89 -0.90 25.81
N GLY A 374 -4.19 -1.08 27.09
CA GLY A 374 -3.17 -1.47 28.03
C GLY A 374 -2.31 -0.34 28.54
N MET A 375 -2.82 0.88 28.44
CA MET A 375 -2.08 2.03 28.91
C MET A 375 -3.04 3.17 29.25
N ASP A 376 -4.19 3.16 28.59
CA ASP A 376 -5.21 4.18 28.83
C ASP A 376 -6.55 3.56 29.18
N GLU A 377 -7.39 4.37 29.80
CA GLU A 377 -8.74 4.02 30.20
C GLU A 377 -9.53 5.10 29.45
N ARG A 378 -10.00 4.75 28.26
CA ARG A 378 -10.75 5.64 27.37
C ARG A 378 -9.83 6.16 26.27
N GLY A 379 -10.43 6.83 25.30
CA GLY A 379 -9.68 7.40 24.21
C GLY A 379 -10.42 8.64 23.81
N GLU A 380 -9.71 9.73 23.61
CA GLU A 380 -10.33 10.99 23.24
C GLU A 380 -10.04 11.27 21.77
N ALA A 381 -11.09 11.62 21.03
CA ALA A 381 -10.96 11.94 19.61
C ALA A 381 -11.73 13.23 19.36
N ILE A 382 -11.02 14.30 19.03
CA ILE A 382 -11.67 15.59 18.83
C ILE A 382 -11.71 16.11 17.39
N ILE A 383 -12.90 16.47 16.93
CA ILE A 383 -13.06 17.02 15.59
C ILE A 383 -13.11 18.53 15.72
N ILE A 384 -12.00 19.21 15.43
CA ILE A 384 -11.98 20.66 15.52
C ILE A 384 -12.71 21.29 14.36
N VAL A 385 -13.89 21.83 14.63
CA VAL A 385 -14.70 22.46 13.61
C VAL A 385 -14.86 23.95 13.87
N GLY A 386 -15.12 24.70 12.80
CA GLY A 386 -15.31 26.13 12.92
C GLY A 386 -16.69 26.48 13.44
N LYS A 387 -17.58 26.89 12.53
CA LYS A 387 -18.93 27.26 12.92
C LYS A 387 -19.86 27.26 11.70
N ARG A 388 -19.64 26.31 10.80
CA ARG A 388 -20.48 26.19 9.61
C ARG A 388 -21.61 25.26 10.06
N ASP A 389 -22.30 25.67 11.12
CA ASP A 389 -23.38 24.87 11.70
C ASP A 389 -22.70 23.57 12.15
N ARG A 390 -21.88 23.65 13.20
CA ARG A 390 -21.14 22.52 13.74
C ARG A 390 -21.98 21.25 13.93
N GLU A 391 -23.30 21.39 13.82
CA GLU A 391 -24.22 20.28 13.95
C GLU A 391 -23.83 19.09 13.06
N ILE A 392 -23.36 19.38 11.85
CA ILE A 392 -22.96 18.33 10.91
C ILE A 392 -21.86 17.42 11.47
N ALA A 393 -20.89 18.02 12.14
CA ALA A 393 -19.78 17.26 12.72
C ALA A 393 -20.28 16.41 13.88
N VAL A 394 -21.43 16.77 14.43
CA VAL A 394 -22.02 16.02 15.53
C VAL A 394 -23.12 15.12 15.02
N LYS A 395 -24.08 15.71 14.32
CA LYS A 395 -25.21 14.96 13.79
C LYS A 395 -24.83 13.89 12.76
N ARG A 396 -23.73 14.10 12.04
CA ARG A 396 -23.33 13.11 11.04
C ARG A 396 -22.06 12.32 11.35
N TYR A 397 -21.02 13.01 11.80
CA TYR A 397 -19.76 12.35 12.12
C TYR A 397 -19.68 11.68 13.48
N ILE A 398 -19.83 12.46 14.55
CA ILE A 398 -19.79 11.88 15.89
C ILE A 398 -20.90 10.84 16.04
N PHE A 399 -22.16 11.29 15.95
CA PHE A 399 -23.29 10.36 16.02
C PHE A 399 -23.68 10.25 14.57
N GLY A 400 -23.41 9.12 13.94
CA GLY A 400 -23.76 9.00 12.54
C GLY A 400 -23.21 7.72 11.96
N GLU A 401 -24.02 7.07 11.12
CA GLU A 401 -23.61 5.81 10.50
C GLU A 401 -22.59 6.10 9.40
N PRO A 402 -21.70 5.14 9.12
CA PRO A 402 -20.70 5.32 8.09
C PRO A 402 -21.34 4.97 6.75
N GLU A 403 -20.72 5.38 5.65
CA GLU A 403 -21.28 5.09 4.34
C GLU A 403 -21.40 3.60 4.10
N ARG A 404 -22.39 3.24 3.29
CA ARG A 404 -22.66 1.87 2.93
C ARG A 404 -21.61 1.38 1.92
N ILE A 405 -21.17 0.14 2.08
CA ILE A 405 -20.17 -0.46 1.22
C ILE A 405 -20.73 -0.79 -0.16
N THR A 406 -20.30 -0.05 -1.16
CA THR A 406 -20.80 -0.25 -2.52
C THR A 406 -19.72 -0.74 -3.47
N SER A 407 -19.92 -1.93 -4.04
CA SER A 407 -18.98 -2.54 -4.97
C SER A 407 -18.62 -1.66 -6.15
N LYS A 408 -17.34 -1.70 -6.55
CA LYS A 408 -16.87 -0.90 -7.66
C LYS A 408 -16.31 -1.67 -8.89
N LEU A 409 -16.44 -3.00 -8.87
CA LEU A 409 -15.98 -3.85 -9.96
C LEU A 409 -16.55 -3.44 -11.33
N GLY A 410 -17.66 -2.70 -11.30
CA GLY A 410 -18.33 -2.26 -12.51
C GLY A 410 -17.58 -1.56 -13.63
N VAL A 411 -16.68 -0.63 -13.31
CA VAL A 411 -15.92 0.10 -14.32
C VAL A 411 -15.31 -0.80 -15.40
N GLU A 412 -15.18 -0.26 -16.61
CA GLU A 412 -14.61 -1.01 -17.72
C GLU A 412 -13.22 -1.49 -17.35
N THR A 413 -12.39 -0.53 -16.92
CA THR A 413 -11.02 -0.76 -16.46
C THR A 413 -10.87 -2.15 -15.86
N HIS A 414 -11.32 -2.26 -14.61
CA HIS A 414 -11.26 -3.48 -13.83
C HIS A 414 -11.78 -4.70 -14.58
N LEU A 415 -12.88 -4.50 -15.29
CA LEU A 415 -13.49 -5.55 -16.08
C LEU A 415 -12.47 -6.13 -17.03
N ARG A 416 -11.86 -5.23 -17.79
CA ARG A 416 -10.84 -5.57 -18.77
C ARG A 416 -9.68 -6.26 -18.05
N PHE A 417 -9.15 -5.58 -17.05
CA PHE A 417 -8.03 -6.11 -16.29
C PHE A 417 -8.25 -7.53 -15.83
N HIS A 418 -9.37 -7.79 -15.17
CA HIS A 418 -9.62 -9.12 -14.67
C HIS A 418 -10.08 -10.16 -15.68
N SER A 419 -10.91 -9.74 -16.65
CA SER A 419 -11.38 -10.67 -17.67
C SER A 419 -10.17 -11.39 -18.28
N LEU A 420 -9.22 -10.61 -18.79
CA LEU A 420 -8.01 -11.16 -19.38
C LEU A 420 -7.46 -12.28 -18.50
N SER A 421 -7.40 -12.02 -17.21
CA SER A 421 -6.89 -12.99 -16.24
C SER A 421 -7.78 -14.22 -16.21
N ILE A 422 -9.08 -13.98 -16.14
CA ILE A 422 -10.06 -15.06 -16.08
C ILE A 422 -9.99 -15.95 -17.31
N ILE A 423 -9.99 -15.33 -18.49
CA ILE A 423 -9.93 -16.08 -19.73
C ILE A 423 -8.61 -16.85 -19.88
N CYS A 424 -7.54 -16.36 -19.25
CA CYS A 424 -6.24 -17.01 -19.34
C CYS A 424 -6.09 -18.14 -18.36
N ASP A 425 -6.39 -17.85 -17.10
CA ASP A 425 -6.23 -18.86 -16.07
C ASP A 425 -7.15 -20.06 -16.21
N GLY A 426 -8.06 -20.01 -17.18
CA GLY A 426 -8.94 -21.12 -17.43
C GLY A 426 -10.24 -21.19 -16.66
N TYR A 427 -10.74 -20.06 -16.21
CA TYR A 427 -12.00 -20.06 -15.46
C TYR A 427 -13.17 -19.93 -16.43
N ALA A 428 -13.07 -18.98 -17.36
CA ALA A 428 -14.13 -18.80 -18.33
C ALA A 428 -13.59 -19.07 -19.73
N LYS A 429 -14.19 -20.05 -20.41
CA LYS A 429 -13.77 -20.42 -21.75
C LYS A 429 -14.66 -19.83 -22.84
N THR A 430 -15.85 -19.37 -22.47
CA THR A 430 -16.78 -18.77 -23.42
C THR A 430 -17.25 -17.45 -22.84
N LEU A 431 -17.89 -16.62 -23.65
CA LEU A 431 -18.37 -15.35 -23.14
C LEU A 431 -19.43 -15.59 -22.07
N GLU A 432 -20.24 -16.63 -22.27
CA GLU A 432 -21.26 -17.01 -21.30
C GLU A 432 -20.61 -17.16 -19.94
N GLU A 433 -19.78 -18.19 -19.79
CA GLU A 433 -19.11 -18.47 -18.52
C GLU A 433 -18.18 -17.36 -18.02
N LEU A 434 -18.00 -16.33 -18.82
CA LEU A 434 -17.21 -15.21 -18.36
C LEU A 434 -18.26 -14.42 -17.60
N GLU A 435 -19.41 -14.29 -18.24
CA GLU A 435 -20.55 -13.59 -17.66
C GLU A 435 -20.97 -14.28 -16.36
N ASP A 436 -20.91 -15.61 -16.35
CA ASP A 436 -21.26 -16.35 -15.17
C ASP A 436 -20.29 -16.04 -14.06
N PHE A 437 -19.00 -16.01 -14.39
CA PHE A 437 -17.99 -15.71 -13.39
C PHE A 437 -18.36 -14.42 -12.66
N PHE A 438 -18.45 -13.32 -13.41
CA PHE A 438 -18.79 -12.05 -12.81
C PHE A 438 -20.10 -12.04 -12.06
N ALA A 439 -20.93 -13.05 -12.32
CA ALA A 439 -22.21 -13.13 -11.64
C ALA A 439 -21.98 -13.52 -10.17
N ASP A 440 -20.94 -14.33 -9.90
CA ASP A 440 -20.63 -14.76 -8.54
C ASP A 440 -19.95 -13.68 -7.74
N THR A 441 -19.86 -12.50 -8.33
CA THR A 441 -19.22 -11.35 -7.72
C THR A 441 -20.05 -10.67 -6.66
N PHE A 442 -19.40 -9.87 -5.82
CA PHE A 442 -20.11 -9.11 -4.81
C PHE A 442 -20.84 -7.99 -5.57
N PHE A 443 -20.33 -7.68 -6.76
CA PHE A 443 -20.97 -6.63 -7.56
C PHE A 443 -22.33 -7.12 -7.99
N PHE A 444 -22.41 -8.39 -8.39
CA PHE A 444 -23.69 -8.93 -8.81
C PHE A 444 -24.62 -8.97 -7.60
N LYS A 445 -24.26 -9.78 -6.61
CA LYS A 445 -25.05 -9.88 -5.38
C LYS A 445 -25.59 -8.53 -4.97
N GLN A 446 -24.81 -7.49 -5.18
CA GLN A 446 -25.25 -6.17 -4.77
C GLN A 446 -26.23 -5.51 -5.73
N ASN A 447 -25.98 -5.53 -7.03
CA ASN A 447 -26.92 -4.87 -7.96
C ASN A 447 -27.43 -5.70 -9.14
N GLU A 448 -27.33 -7.03 -9.02
CA GLU A 448 -27.75 -7.96 -10.06
C GLU A 448 -27.82 -7.39 -11.47
N ILE A 449 -26.69 -6.92 -11.98
CA ILE A 449 -26.65 -6.34 -13.31
C ILE A 449 -25.90 -7.26 -14.25
N SER A 450 -26.45 -7.52 -15.42
CA SER A 450 -25.72 -8.34 -16.37
C SER A 450 -24.75 -7.41 -17.05
N LEU A 451 -23.48 -7.78 -17.07
CA LEU A 451 -22.47 -6.94 -17.71
C LEU A 451 -22.14 -7.50 -19.09
N SER A 452 -22.96 -8.45 -19.53
CA SER A 452 -22.80 -9.08 -20.83
C SER A 452 -22.47 -8.07 -21.93
N TYR A 453 -23.07 -6.89 -21.86
CA TYR A 453 -22.80 -5.90 -22.88
C TYR A 453 -21.33 -5.56 -22.89
N GLU A 454 -20.94 -4.78 -21.88
CA GLU A 454 -19.56 -4.32 -21.71
C GLU A 454 -18.58 -5.48 -21.73
N LEU A 455 -18.93 -6.56 -21.03
CA LEU A 455 -18.06 -7.72 -20.99
C LEU A 455 -17.82 -8.24 -22.40
N GLU A 456 -18.74 -7.97 -23.30
CA GLU A 456 -18.60 -8.42 -24.70
C GLU A 456 -17.61 -7.49 -25.38
N ARG A 457 -17.75 -6.20 -25.07
CA ARG A 457 -16.90 -5.14 -25.61
C ARG A 457 -15.47 -5.49 -25.21
N VAL A 458 -15.28 -5.83 -23.94
CA VAL A 458 -13.96 -6.21 -23.43
C VAL A 458 -13.35 -7.32 -24.29
N VAL A 459 -13.87 -8.52 -24.17
CA VAL A 459 -13.34 -9.65 -24.92
C VAL A 459 -13.03 -9.37 -26.38
N ARG A 460 -13.74 -8.42 -27.01
CA ARG A 460 -13.45 -8.12 -28.40
C ARG A 460 -12.13 -7.35 -28.42
N GLN A 461 -12.10 -6.28 -27.65
CA GLN A 461 -10.91 -5.42 -27.51
C GLN A 461 -9.69 -6.23 -27.06
N LEU A 462 -9.93 -7.26 -26.26
CA LEU A 462 -8.85 -8.11 -25.80
C LEU A 462 -8.36 -8.94 -26.99
N GLU A 463 -9.30 -9.25 -27.88
CA GLU A 463 -9.03 -10.00 -29.09
C GLU A 463 -8.28 -9.11 -30.06
N ASN A 464 -8.80 -7.90 -30.23
CA ASN A 464 -8.19 -6.93 -31.12
C ASN A 464 -6.74 -6.74 -30.73
N TRP A 465 -6.48 -6.55 -29.44
CA TRP A 465 -5.14 -6.35 -28.96
C TRP A 465 -4.27 -7.60 -29.10
N GLY A 466 -4.87 -8.66 -29.65
CA GLY A 466 -4.14 -9.89 -29.87
C GLY A 466 -3.80 -10.70 -28.64
N MET A 467 -4.52 -10.46 -27.55
CA MET A 467 -4.29 -11.18 -26.31
C MET A 467 -5.24 -12.37 -26.14
N VAL A 468 -6.43 -12.25 -26.72
CA VAL A 468 -7.41 -13.32 -26.65
C VAL A 468 -7.80 -13.73 -28.07
N VAL A 469 -7.95 -15.04 -28.30
CA VAL A 469 -8.33 -15.56 -29.60
C VAL A 469 -9.65 -16.30 -29.54
N GLU A 470 -10.47 -16.13 -30.57
CA GLU A 470 -11.78 -16.79 -30.64
C GLU A 470 -11.78 -17.96 -31.63
N ALA A 471 -11.48 -19.16 -31.14
CA ALA A 471 -11.47 -20.35 -32.00
C ALA A 471 -12.73 -21.17 -31.65
N ALA A 472 -13.88 -20.48 -31.63
CA ALA A 472 -15.19 -21.07 -31.27
C ALA A 472 -15.10 -21.44 -29.77
N HIS A 473 -14.02 -20.93 -29.16
CA HIS A 473 -13.65 -21.16 -27.76
C HIS A 473 -12.68 -20.02 -27.44
N LEU A 474 -12.84 -19.34 -26.31
CA LEU A 474 -11.93 -18.26 -25.95
C LEU A 474 -10.67 -18.80 -25.30
N ALA A 475 -9.53 -18.32 -25.76
CA ALA A 475 -8.25 -18.74 -25.23
C ALA A 475 -7.25 -17.60 -25.26
N PRO A 476 -6.18 -17.70 -24.47
CA PRO A 476 -5.17 -16.63 -24.44
C PRO A 476 -4.08 -16.85 -25.48
N THR A 477 -3.42 -15.76 -25.88
CA THR A 477 -2.33 -15.85 -26.83
C THR A 477 -1.09 -15.79 -25.97
N LYS A 478 0.07 -16.15 -26.53
CA LYS A 478 1.31 -16.12 -25.76
C LYS A 478 1.43 -14.76 -25.06
N LEU A 479 1.12 -13.71 -25.81
CA LEU A 479 1.16 -12.34 -25.33
C LEU A 479 0.25 -12.16 -24.12
N GLY A 480 -1.02 -12.53 -24.30
CA GLY A 480 -2.00 -12.41 -23.23
C GLY A 480 -1.56 -13.08 -21.95
N SER A 481 -1.04 -14.30 -22.07
CA SER A 481 -0.56 -15.05 -20.92
C SER A 481 0.54 -14.25 -20.24
N LEU A 482 1.32 -13.57 -21.06
CA LEU A 482 2.41 -12.74 -20.55
C LEU A 482 1.81 -11.55 -19.81
N VAL A 483 1.00 -10.77 -20.52
CA VAL A 483 0.38 -9.60 -19.92
C VAL A 483 -0.28 -10.01 -18.61
N SER A 484 -0.85 -11.21 -18.60
CA SER A 484 -1.51 -11.76 -17.42
C SER A 484 -0.53 -11.94 -16.27
N ARG A 485 0.51 -12.74 -16.51
CA ARG A 485 1.54 -13.03 -15.51
C ARG A 485 2.30 -11.79 -15.04
N LEU A 486 2.42 -10.79 -15.90
CA LEU A 486 3.13 -9.57 -15.53
C LEU A 486 2.31 -8.75 -14.56
N TYR A 487 1.00 -9.01 -14.54
CA TYR A 487 0.04 -8.33 -13.68
C TYR A 487 -0.01 -6.83 -13.98
N ILE A 488 -0.03 -6.49 -15.26
CA ILE A 488 -0.10 -5.10 -15.67
C ILE A 488 -1.39 -4.95 -16.44
N ASP A 489 -1.86 -3.72 -16.55
CA ASP A 489 -3.10 -3.46 -17.25
C ASP A 489 -2.89 -3.90 -18.69
N PRO A 490 -3.82 -4.69 -19.24
CA PRO A 490 -3.65 -5.13 -20.63
C PRO A 490 -3.52 -3.96 -21.61
N LEU A 491 -4.03 -2.79 -21.24
CA LEU A 491 -3.91 -1.64 -22.12
C LEU A 491 -2.42 -1.31 -22.14
N THR A 492 -1.80 -1.37 -20.96
CA THR A 492 -0.37 -1.14 -20.79
C THR A 492 0.37 -2.11 -21.72
N GLY A 493 0.10 -3.39 -21.52
CA GLY A 493 0.72 -4.41 -22.35
C GLY A 493 0.55 -4.11 -23.82
N PHE A 494 -0.56 -3.48 -24.18
CA PHE A 494 -0.75 -3.19 -25.57
C PHE A 494 0.18 -2.06 -26.00
N ILE A 495 0.05 -0.91 -25.33
CA ILE A 495 0.88 0.23 -25.64
C ILE A 495 2.32 -0.22 -25.86
N PHE A 496 2.78 -1.17 -25.05
CA PHE A 496 4.13 -1.68 -25.21
C PHE A 496 4.21 -2.50 -26.50
N HIS A 497 3.58 -3.65 -26.50
CA HIS A 497 3.62 -4.51 -27.67
C HIS A 497 3.35 -3.80 -28.99
N ASP A 498 2.53 -2.76 -29.00
CA ASP A 498 2.23 -2.06 -30.24
C ASP A 498 3.43 -1.23 -30.65
N VAL A 499 3.73 -0.19 -29.86
CA VAL A 499 4.86 0.69 -30.14
C VAL A 499 6.15 -0.08 -30.42
N LEU A 500 6.50 -1.03 -29.56
CA LEU A 500 7.71 -1.81 -29.75
C LEU A 500 7.70 -2.57 -31.07
N SER A 501 6.75 -3.47 -31.25
CA SER A 501 6.69 -4.25 -32.47
C SER A 501 6.77 -3.37 -33.73
N ARG A 502 6.55 -2.08 -33.60
CA ARG A 502 6.59 -1.22 -34.77
C ARG A 502 7.85 -0.38 -34.92
N MET A 503 8.26 0.31 -33.86
CA MET A 503 9.47 1.13 -33.90
C MET A 503 10.46 0.64 -32.89
N GLU A 504 11.35 1.51 -32.44
CA GLU A 504 12.30 1.08 -31.43
C GLU A 504 13.03 2.27 -30.85
N LEU A 505 12.48 2.75 -29.74
CA LEU A 505 12.94 3.92 -29.03
C LEU A 505 14.26 3.90 -28.28
N SER A 506 14.58 5.08 -27.77
CA SER A 506 15.79 5.37 -27.02
C SER A 506 15.47 5.50 -25.53
N ASP A 507 16.46 5.93 -24.75
CA ASP A 507 16.27 6.12 -23.32
C ASP A 507 14.95 6.86 -23.09
N ILE A 508 15.00 8.17 -23.30
CA ILE A 508 13.87 9.05 -23.11
C ILE A 508 12.67 8.52 -23.87
N GLY A 509 12.91 7.99 -25.05
CA GLY A 509 11.82 7.43 -25.85
C GLY A 509 11.14 6.30 -25.12
N ALA A 510 11.92 5.50 -24.41
CA ALA A 510 11.38 4.37 -23.69
C ALA A 510 10.83 4.82 -22.35
N LEU A 511 11.51 5.75 -21.69
CA LEU A 511 11.02 6.21 -20.41
C LEU A 511 9.65 6.81 -20.71
N HIS A 512 9.57 7.58 -21.79
CA HIS A 512 8.30 8.18 -22.16
C HIS A 512 7.21 7.13 -22.43
N LEU A 513 7.54 6.06 -23.16
CA LEU A 513 6.56 5.00 -23.46
C LEU A 513 5.92 4.49 -22.19
N ILE A 514 6.74 4.23 -21.18
CA ILE A 514 6.26 3.77 -19.87
C ILE A 514 5.24 4.79 -19.34
N CYS A 515 5.63 6.07 -19.30
CA CYS A 515 4.74 7.10 -18.82
C CYS A 515 3.47 7.27 -19.65
N ARG A 516 3.36 6.54 -20.74
CA ARG A 516 2.16 6.63 -21.54
C ARG A 516 1.18 5.63 -20.94
N THR A 517 1.76 4.54 -20.46
CA THR A 517 1.04 3.45 -19.83
C THR A 517 0.16 3.95 -18.68
N PRO A 518 -1.00 3.31 -18.48
CA PRO A 518 -1.95 3.67 -17.43
C PRO A 518 -1.46 3.21 -16.05
N ASP A 519 -0.63 2.15 -16.03
CA ASP A 519 -0.08 1.60 -14.81
C ASP A 519 0.95 2.49 -14.15
N MET A 520 1.48 3.44 -14.90
CA MET A 520 2.50 4.33 -14.38
C MET A 520 1.95 5.54 -13.67
N GLU A 521 2.73 6.05 -12.72
CA GLU A 521 2.34 7.25 -12.01
C GLU A 521 2.95 8.41 -12.81
N ARG A 522 2.32 9.56 -12.77
CA ARG A 522 2.85 10.70 -13.49
C ARG A 522 2.93 11.87 -12.56
N LEU A 523 3.67 12.90 -12.96
CA LEU A 523 3.80 14.07 -12.12
C LEU A 523 2.84 15.13 -12.64
N THR A 524 2.61 16.12 -11.80
CA THR A 524 1.73 17.22 -12.13
C THR A 524 2.57 18.31 -12.79
N VAL A 525 2.02 18.93 -13.81
CA VAL A 525 2.73 19.98 -14.50
C VAL A 525 2.31 21.36 -13.97
N ARG A 526 3.22 22.05 -13.28
CA ARG A 526 2.91 23.37 -12.75
C ARG A 526 3.04 24.44 -13.84
N LYS A 527 2.46 25.60 -13.59
CA LYS A 527 2.49 26.71 -14.53
C LYS A 527 3.92 27.14 -14.81
N THR A 528 4.82 26.78 -13.89
CA THR A 528 6.24 27.11 -14.01
C THR A 528 7.07 26.13 -14.84
N ASP A 529 6.62 24.88 -14.90
CA ASP A 529 7.31 23.85 -15.66
C ASP A 529 7.15 24.10 -17.15
N SER A 530 7.72 25.22 -17.60
CA SER A 530 7.64 25.60 -19.01
C SER A 530 8.58 24.77 -19.89
N TRP A 531 9.76 24.50 -19.38
CA TRP A 531 10.74 23.75 -20.13
C TRP A 531 10.13 22.49 -20.69
N VAL A 532 9.31 21.83 -19.90
CA VAL A 532 8.70 20.58 -20.34
C VAL A 532 8.18 20.69 -21.77
N GLU A 533 7.39 21.72 -22.04
CA GLU A 533 6.83 21.90 -23.37
C GLU A 533 7.90 22.05 -24.44
N GLU A 534 8.94 22.83 -24.13
CA GLU A 534 10.05 23.07 -25.06
C GLU A 534 10.80 21.78 -25.28
N GLU A 535 11.31 21.23 -24.18
CA GLU A 535 12.07 19.99 -24.17
C GLU A 535 11.31 18.91 -24.90
N ALA A 536 9.99 18.90 -24.74
CA ALA A 536 9.13 17.91 -25.37
C ALA A 536 9.16 18.04 -26.88
N PHE A 537 9.30 19.27 -27.35
CA PHE A 537 9.36 19.53 -28.79
C PHE A 537 10.68 19.01 -29.31
N ARG A 538 11.78 19.55 -28.77
CA ARG A 538 13.13 19.16 -29.16
C ARG A 538 13.19 17.63 -29.23
N LEU A 539 12.70 16.98 -28.18
CA LEU A 539 12.71 15.54 -28.11
C LEU A 539 11.71 14.86 -29.00
N ARG A 540 10.82 15.64 -29.63
CA ARG A 540 9.84 15.04 -30.52
C ARG A 540 10.66 14.21 -31.49
N LYS A 541 9.99 13.45 -32.35
CA LYS A 541 10.73 12.64 -33.33
C LYS A 541 11.37 11.46 -32.60
N GLU A 542 11.48 11.60 -31.29
CA GLU A 542 12.07 10.55 -30.47
C GLU A 542 11.01 9.76 -29.71
N LEU A 543 9.94 10.45 -29.32
CA LEU A 543 8.82 9.86 -28.57
C LEU A 543 7.93 8.99 -29.47
N SER A 544 7.23 8.02 -28.87
CA SER A 544 6.35 7.12 -29.63
C SER A 544 5.15 7.78 -30.29
N TYR A 545 4.92 9.05 -29.99
CA TYR A 545 3.81 9.81 -30.57
C TYR A 545 3.95 11.28 -30.21
N TYR A 546 3.28 12.14 -30.96
CA TYR A 546 3.35 13.57 -30.72
C TYR A 546 2.03 14.29 -31.06
N PRO A 547 1.31 14.76 -30.03
CA PRO A 547 0.02 15.47 -30.13
C PRO A 547 0.09 16.91 -30.64
N SER A 548 -1.07 17.46 -30.97
CA SER A 548 -1.13 18.84 -31.46
C SER A 548 -0.81 19.82 -30.34
N ASP A 549 -0.14 20.91 -30.69
CA ASP A 549 0.21 21.91 -29.70
C ASP A 549 -1.03 22.33 -28.89
N PHE A 550 -2.20 22.28 -29.51
CA PHE A 550 -3.42 22.60 -28.78
C PHE A 550 -4.48 21.53 -28.94
N SER A 551 -4.04 20.29 -28.78
CA SER A 551 -4.94 19.14 -28.82
C SER A 551 -5.38 19.04 -27.35
N VAL A 552 -6.46 18.33 -27.08
CA VAL A 552 -6.94 18.23 -25.70
C VAL A 552 -5.96 17.46 -24.81
N GLU A 553 -5.24 16.49 -25.41
CA GLU A 553 -4.30 15.69 -24.68
C GLU A 553 -2.90 16.28 -24.52
N TYR A 554 -2.72 17.55 -24.88
CA TYR A 554 -1.39 18.16 -24.74
C TYR A 554 -0.97 18.21 -23.28
N ASP A 555 -1.95 18.21 -22.39
CA ASP A 555 -1.66 18.27 -20.97
C ASP A 555 -1.33 16.88 -20.44
N TRP A 556 -2.09 15.87 -20.86
CA TRP A 556 -1.81 14.51 -20.42
C TRP A 556 -0.42 14.20 -20.98
N PHE A 557 -0.12 14.74 -22.15
CA PHE A 557 1.16 14.53 -22.79
C PHE A 557 2.28 15.15 -21.96
N LEU A 558 2.23 16.46 -21.75
CA LEU A 558 3.27 17.12 -20.97
C LEU A 558 3.60 16.43 -19.65
N SER A 559 2.61 15.83 -18.99
CA SER A 559 2.88 15.13 -17.73
C SER A 559 3.75 13.92 -18.04
N GLU A 560 3.36 13.20 -19.09
CA GLU A 560 4.12 12.02 -19.52
C GLU A 560 5.58 12.40 -19.70
N VAL A 561 5.82 13.49 -20.42
CA VAL A 561 7.18 13.96 -20.64
C VAL A 561 7.85 14.32 -19.33
N LYS A 562 7.31 15.31 -18.63
CA LYS A 562 7.88 15.70 -17.36
C LYS A 562 8.24 14.49 -16.50
N THR A 563 7.39 13.47 -16.52
CA THR A 563 7.67 12.28 -15.75
C THR A 563 8.87 11.52 -16.30
N ALA A 564 8.90 11.39 -17.61
CA ALA A 564 10.01 10.66 -18.22
C ALA A 564 11.29 11.46 -18.06
N LEU A 565 11.18 12.77 -18.12
CA LEU A 565 12.37 13.57 -17.94
C LEU A 565 12.89 13.29 -16.54
N CYS A 566 11.99 13.18 -15.58
CA CYS A 566 12.39 12.91 -14.21
C CYS A 566 13.18 11.61 -14.13
N LEU A 567 12.61 10.55 -14.67
CA LEU A 567 13.27 9.25 -14.66
C LEU A 567 14.64 9.41 -15.32
N LYS A 568 14.68 10.25 -16.35
CA LYS A 568 15.92 10.49 -17.10
C LYS A 568 17.01 10.99 -16.16
N ASP A 569 16.76 12.09 -15.47
CA ASP A 569 17.72 12.64 -14.52
C ASP A 569 18.10 11.56 -13.50
N TRP A 570 17.11 10.80 -13.05
CA TRP A 570 17.37 9.74 -12.09
C TRP A 570 18.41 8.82 -12.73
N ILE A 571 18.15 8.44 -13.98
CA ILE A 571 19.02 7.57 -14.75
C ILE A 571 20.35 8.23 -15.12
N GLU A 572 20.36 9.55 -15.14
CA GLU A 572 21.57 10.31 -15.49
C GLU A 572 22.32 10.73 -14.24
N GLU A 573 22.10 9.97 -13.18
CA GLU A 573 22.77 10.15 -11.90
C GLU A 573 22.64 11.49 -11.19
N LYS A 574 21.69 12.31 -11.64
CA LYS A 574 21.47 13.61 -11.02
C LYS A 574 21.25 13.49 -9.51
N ASP A 575 21.68 14.49 -8.74
CA ASP A 575 21.49 14.46 -7.28
C ASP A 575 20.00 14.31 -6.96
N GLU A 576 19.65 13.39 -6.07
CA GLU A 576 18.25 13.20 -5.70
C GLU A 576 17.59 14.52 -5.31
N ASP A 577 18.07 15.12 -4.22
CA ASP A 577 17.53 16.38 -3.74
C ASP A 577 17.35 17.33 -4.89
N GLU A 578 18.28 17.29 -5.83
CA GLU A 578 18.21 18.13 -7.02
C GLU A 578 17.02 17.71 -7.89
N ILE A 579 16.91 16.41 -8.17
CA ILE A 579 15.79 15.91 -8.98
C ILE A 579 14.49 16.34 -8.33
N CYS A 580 14.43 16.18 -7.00
CA CYS A 580 13.24 16.54 -6.22
C CYS A 580 12.90 18.00 -6.40
N ALA A 581 13.85 18.86 -6.08
CA ALA A 581 13.62 20.29 -6.21
C ALA A 581 13.17 20.62 -7.63
N LYS A 582 13.85 20.07 -8.62
CA LYS A 582 13.52 20.34 -10.00
C LYS A 582 12.06 20.05 -10.34
N TYR A 583 11.63 18.84 -10.00
CA TYR A 583 10.27 18.40 -10.29
C TYR A 583 9.22 18.79 -9.26
N GLY A 584 9.66 19.33 -8.13
CA GLY A 584 8.73 19.73 -7.10
C GLY A 584 8.03 18.58 -6.41
N ILE A 585 8.79 17.53 -6.12
CA ILE A 585 8.25 16.36 -5.45
C ILE A 585 9.11 16.07 -4.23
N ALA A 586 8.69 15.10 -3.42
CA ALA A 586 9.46 14.74 -2.24
C ALA A 586 10.11 13.39 -2.45
N PRO A 587 11.24 13.19 -1.79
CA PRO A 587 12.04 11.96 -1.85
C PRO A 587 11.25 10.65 -1.89
N GLY A 588 10.19 10.61 -1.10
CA GLY A 588 9.35 9.41 -1.05
C GLY A 588 8.66 9.21 -2.38
N ASP A 589 8.21 10.32 -2.95
CA ASP A 589 7.55 10.33 -4.24
C ASP A 589 8.53 9.76 -5.25
N LEU A 590 9.68 10.43 -5.36
CA LEU A 590 10.71 10.02 -6.27
C LEU A 590 10.95 8.53 -6.16
N ARG A 591 11.15 8.04 -4.94
CA ARG A 591 11.39 6.63 -4.75
C ARG A 591 10.20 5.81 -5.23
N ARG A 592 9.00 6.33 -4.99
CA ARG A 592 7.76 5.68 -5.38
C ARG A 592 7.70 5.55 -6.89
N ILE A 593 7.94 6.67 -7.57
CA ILE A 593 7.93 6.72 -9.02
C ILE A 593 8.96 5.79 -9.65
N VAL A 594 10.21 5.92 -9.22
CA VAL A 594 11.27 5.08 -9.77
C VAL A 594 10.89 3.64 -9.54
N GLU A 595 10.44 3.35 -8.32
CA GLU A 595 10.06 2.01 -7.95
C GLU A 595 9.10 1.42 -8.96
N THR A 596 8.06 2.20 -9.27
CA THR A 596 7.02 1.80 -10.22
C THR A 596 7.61 1.68 -11.61
N ALA A 597 8.17 2.80 -12.07
CA ALA A 597 8.76 2.91 -13.39
C ALA A 597 9.57 1.64 -13.68
N GLU A 598 10.32 1.16 -12.71
CA GLU A 598 11.11 -0.04 -12.91
C GLU A 598 10.27 -1.27 -13.24
N TRP A 599 9.25 -1.51 -12.41
CA TRP A 599 8.35 -2.65 -12.58
C TRP A 599 7.78 -2.74 -14.01
N LEU A 600 7.32 -1.60 -14.50
CA LEU A 600 6.78 -1.53 -15.84
C LEU A 600 7.94 -1.68 -16.82
N SER A 601 9.09 -1.12 -16.45
CA SER A 601 10.29 -1.19 -17.28
C SER A 601 10.59 -2.65 -17.55
N ASN A 602 10.50 -3.46 -16.52
CA ASN A 602 10.75 -4.87 -16.68
C ASN A 602 9.68 -5.45 -17.62
N ALA A 603 8.42 -5.10 -17.33
CA ALA A 603 7.28 -5.55 -18.13
C ALA A 603 7.47 -5.22 -19.60
N MET A 604 7.81 -3.96 -19.86
CA MET A 604 8.03 -3.48 -21.21
C MET A 604 9.14 -4.26 -21.89
N ASN A 605 10.19 -4.59 -21.16
CA ASN A 605 11.29 -5.32 -21.76
C ASN A 605 10.88 -6.74 -22.11
N ARG A 606 10.25 -7.45 -21.18
CA ARG A 606 9.85 -8.82 -21.47
C ARG A 606 8.90 -8.84 -22.67
N ILE A 607 8.06 -7.81 -22.78
CA ILE A 607 7.14 -7.75 -23.90
C ILE A 607 7.97 -7.51 -25.16
N ALA A 608 8.89 -6.55 -25.06
CA ALA A 608 9.76 -6.22 -26.18
C ALA A 608 10.39 -7.46 -26.73
N GLU A 609 11.05 -8.22 -25.85
CA GLU A 609 11.70 -9.45 -26.24
C GLU A 609 10.78 -10.33 -27.07
N GLU A 610 9.60 -10.60 -26.54
CA GLU A 610 8.64 -11.45 -27.24
C GLU A 610 8.49 -11.04 -28.69
N VAL A 611 8.60 -9.75 -28.96
CA VAL A 611 8.47 -9.31 -30.32
C VAL A 611 9.82 -9.34 -31.03
N GLY A 612 10.88 -9.01 -30.31
CA GLY A 612 12.21 -9.01 -30.90
C GLY A 612 12.94 -7.70 -30.74
N ASN A 613 12.22 -6.63 -30.44
CA ASN A 613 12.80 -5.31 -30.23
C ASN A 613 13.77 -5.42 -29.05
N THR A 614 14.83 -4.61 -29.07
CA THR A 614 15.83 -4.65 -27.97
C THR A 614 16.27 -3.27 -27.47
N SER A 615 15.80 -2.21 -28.12
CA SER A 615 16.16 -0.85 -27.75
C SER A 615 16.00 -0.51 -26.28
N VAL A 616 15.46 -1.46 -25.51
CA VAL A 616 15.23 -1.24 -24.08
C VAL A 616 16.07 -2.16 -23.19
N SER A 617 16.70 -3.14 -23.84
CA SER A 617 17.54 -4.15 -23.18
C SER A 617 18.10 -3.88 -21.78
N GLY A 618 18.85 -2.80 -21.61
CA GLY A 618 19.43 -2.53 -20.30
C GLY A 618 18.89 -1.31 -19.57
N LEU A 619 17.60 -1.04 -19.75
CA LEU A 619 16.96 0.11 -19.14
C LEU A 619 16.52 -0.14 -17.69
N THR A 620 15.84 -1.26 -17.47
CA THR A 620 15.35 -1.59 -16.15
C THR A 620 16.43 -1.40 -15.08
N GLU A 621 17.55 -2.08 -15.29
CA GLU A 621 18.70 -2.03 -14.38
C GLU A 621 19.01 -0.59 -14.02
N ARG A 622 19.16 0.25 -15.04
CA ARG A 622 19.47 1.66 -14.81
C ARG A 622 18.44 2.31 -13.92
N ILE A 623 17.18 2.13 -14.30
CA ILE A 623 16.05 2.69 -13.55
C ILE A 623 16.17 2.30 -12.09
N LYS A 624 16.38 1.01 -11.85
CA LYS A 624 16.48 0.53 -10.48
C LYS A 624 17.48 1.23 -9.60
N HIS A 625 18.73 1.31 -10.05
CA HIS A 625 19.77 1.96 -9.28
C HIS A 625 19.95 3.44 -9.59
N GLY A 626 19.34 3.90 -10.68
CA GLY A 626 19.47 5.29 -11.07
C GLY A 626 20.91 5.63 -11.40
N VAL A 627 21.58 4.69 -12.07
CA VAL A 627 22.98 4.84 -12.46
C VAL A 627 23.11 4.99 -13.97
N LYS A 628 24.34 5.03 -14.47
CA LYS A 628 24.53 5.21 -15.89
C LYS A 628 24.49 3.94 -16.73
N GLU A 629 25.48 3.07 -16.64
CA GLU A 629 25.47 1.85 -17.45
C GLU A 629 26.82 1.28 -17.21
N GLU A 630 27.76 2.20 -17.05
CA GLU A 630 29.12 1.87 -16.77
C GLU A 630 29.17 1.52 -15.29
N LEU A 631 28.18 2.00 -14.52
CA LEU A 631 28.14 1.71 -13.08
C LEU A 631 27.30 0.48 -12.75
N LEU A 632 26.68 -0.13 -13.76
CA LEU A 632 25.86 -1.31 -13.52
C LEU A 632 26.59 -2.43 -12.84
N GLU A 633 27.83 -2.66 -13.25
CA GLU A 633 28.64 -3.73 -12.68
C GLU A 633 28.90 -3.46 -11.20
N LEU A 634 29.07 -2.19 -10.86
CA LEU A 634 29.31 -1.83 -9.48
C LEU A 634 28.08 -1.88 -8.58
N VAL A 635 26.94 -1.40 -9.07
CA VAL A 635 25.71 -1.37 -8.27
C VAL A 635 25.11 -2.73 -7.94
N ARG A 636 25.48 -3.75 -8.72
CA ARG A 636 24.99 -5.09 -8.46
C ARG A 636 25.62 -5.64 -7.18
N ILE A 637 26.75 -5.07 -6.76
CA ILE A 637 27.42 -5.58 -5.58
C ILE A 637 26.77 -5.14 -4.27
N ARG A 638 25.96 -6.04 -3.70
CA ARG A 638 25.26 -5.79 -2.45
C ARG A 638 24.59 -4.42 -2.58
N HIS A 639 24.37 -4.01 -3.83
CA HIS A 639 23.82 -2.68 -4.11
C HIS A 639 24.89 -1.72 -3.51
N ILE A 640 25.51 -0.87 -4.34
CA ILE A 640 26.50 0.02 -3.74
C ILE A 640 26.00 1.44 -3.85
N GLY A 641 24.94 1.62 -4.63
CA GLY A 641 24.38 2.94 -4.77
C GLY A 641 25.07 3.81 -5.79
N ARG A 642 24.31 4.73 -6.35
CA ARG A 642 24.82 5.65 -7.34
C ARG A 642 26.02 6.40 -6.76
N VAL A 643 25.85 7.01 -5.60
CA VAL A 643 26.95 7.77 -5.01
C VAL A 643 28.24 6.97 -4.93
N ARG A 644 28.29 5.94 -4.07
CA ARG A 644 29.49 5.14 -3.98
C ARG A 644 29.95 4.60 -5.32
N ALA A 645 29.03 4.06 -6.11
CA ALA A 645 29.40 3.53 -7.42
C ALA A 645 30.18 4.57 -8.27
N ARG A 646 29.71 5.82 -8.28
CA ARG A 646 30.36 6.88 -9.05
C ARG A 646 31.80 7.11 -8.55
N LYS A 647 31.92 7.37 -7.25
CA LYS A 647 33.23 7.59 -6.60
C LYS A 647 34.19 6.47 -7.00
N LEU A 648 33.77 5.23 -6.81
CA LEU A 648 34.58 4.08 -7.16
C LEU A 648 34.89 4.04 -8.65
N TYR A 649 33.94 4.47 -9.48
CA TYR A 649 34.16 4.42 -10.90
C TYR A 649 35.05 5.57 -11.32
N ASN A 650 34.93 6.69 -10.64
CA ASN A 650 35.76 7.81 -10.97
C ASN A 650 37.20 7.49 -10.62
N ALA A 651 37.40 6.33 -10.03
CA ALA A 651 38.74 5.90 -9.70
C ALA A 651 38.91 4.59 -10.47
N GLY A 652 39.97 3.86 -10.19
CA GLY A 652 40.20 2.62 -10.90
C GLY A 652 39.17 1.54 -10.60
N ILE A 653 38.61 1.55 -9.41
CA ILE A 653 37.63 0.53 -9.02
C ILE A 653 36.38 0.62 -9.87
N ARG A 654 36.32 -0.17 -10.92
CA ARG A 654 35.17 -0.11 -11.78
C ARG A 654 34.39 -1.40 -11.87
N ASN A 655 34.53 -2.25 -10.87
CA ASN A 655 33.80 -3.50 -10.87
C ASN A 655 34.09 -4.19 -9.55
N ALA A 656 33.58 -5.40 -9.39
CA ALA A 656 33.77 -6.14 -8.16
C ALA A 656 35.23 -6.51 -7.93
N GLU A 657 35.87 -7.04 -8.97
CA GLU A 657 37.27 -7.46 -8.90
C GLU A 657 38.15 -6.34 -8.36
N ASP A 658 38.14 -5.19 -9.02
CA ASP A 658 38.93 -4.04 -8.59
C ASP A 658 38.65 -3.58 -7.15
N ILE A 659 37.44 -3.77 -6.66
CA ILE A 659 37.14 -3.33 -5.31
C ILE A 659 37.93 -4.15 -4.32
N VAL A 660 38.20 -5.38 -4.71
CA VAL A 660 38.95 -6.32 -3.89
C VAL A 660 40.46 -6.02 -3.90
N ARG A 661 41.05 -6.13 -5.09
CA ARG A 661 42.48 -5.89 -5.30
C ARG A 661 43.02 -4.54 -4.78
N HIS A 662 42.15 -3.55 -4.61
CA HIS A 662 42.60 -2.24 -4.13
C HIS A 662 41.79 -1.83 -2.92
N ARG A 663 41.66 -2.77 -1.99
CA ARG A 663 40.91 -2.61 -0.75
C ARG A 663 41.14 -1.31 0.03
N GLU A 664 42.39 -1.05 0.39
CA GLU A 664 42.71 0.15 1.16
C GLU A 664 42.19 1.39 0.45
N LYS A 665 42.34 1.43 -0.86
CA LYS A 665 41.86 2.55 -1.67
C LYS A 665 40.35 2.72 -1.50
N VAL A 666 39.62 1.63 -1.76
CA VAL A 666 38.17 1.62 -1.65
C VAL A 666 37.77 2.33 -0.36
N ALA A 667 38.21 1.76 0.76
CA ALA A 667 37.89 2.31 2.08
C ALA A 667 38.20 3.80 2.24
N SER A 668 39.12 4.31 1.41
CA SER A 668 39.47 5.72 1.52
C SER A 668 38.37 6.53 0.86
N LEU A 669 37.80 5.96 -0.20
CA LEU A 669 36.74 6.60 -0.97
C LEU A 669 35.36 6.50 -0.30
N ILE A 670 34.90 5.28 -0.12
CA ILE A 670 33.61 5.02 0.50
C ILE A 670 33.69 5.24 2.01
N GLY A 671 34.46 4.37 2.66
CA GLY A 671 34.65 4.43 4.09
C GLY A 671 35.17 3.10 4.58
N ARG A 672 35.91 3.12 5.69
CA ARG A 672 36.46 1.89 6.25
C ARG A 672 35.33 0.92 6.59
N GLY A 673 34.33 1.42 7.30
CA GLY A 673 33.21 0.58 7.68
C GLY A 673 32.56 -0.03 6.44
N ILE A 674 31.87 0.81 5.70
CA ILE A 674 31.19 0.41 4.47
C ILE A 674 32.11 -0.46 3.62
N ALA A 675 33.37 -0.05 3.50
CA ALA A 675 34.36 -0.78 2.72
C ALA A 675 34.34 -2.22 3.18
N GLU A 676 34.57 -2.40 4.47
CA GLU A 676 34.61 -3.72 5.08
C GLU A 676 33.38 -4.54 4.72
N ARG A 677 32.20 -3.99 4.99
CA ARG A 677 30.93 -4.68 4.70
C ARG A 677 30.83 -5.15 3.25
N VAL A 678 31.15 -4.25 2.32
CA VAL A 678 31.09 -4.54 0.88
C VAL A 678 31.91 -5.75 0.44
N VAL A 679 33.17 -5.78 0.87
CA VAL A 679 34.07 -6.86 0.53
C VAL A 679 33.58 -8.17 1.13
N GLU A 680 33.04 -8.08 2.34
CA GLU A 680 32.54 -9.25 3.05
C GLU A 680 31.60 -10.10 2.19
N GLY A 681 30.91 -9.47 1.25
CA GLY A 681 29.98 -10.22 0.42
C GLY A 681 30.51 -10.81 -0.88
N ILE A 682 31.37 -10.05 -1.56
CA ILE A 682 31.95 -10.47 -2.83
C ILE A 682 32.68 -11.80 -2.78
N SER A 683 33.72 -11.87 -1.96
CA SER A 683 34.53 -13.07 -1.81
C SER A 683 33.71 -14.33 -1.53
N VAL A 684 32.86 -14.25 -0.51
CA VAL A 684 32.00 -15.36 -0.11
C VAL A 684 31.27 -15.94 -1.32
N LYS A 685 31.01 -15.10 -2.31
CA LYS A 685 30.32 -15.51 -3.52
C LYS A 685 31.26 -16.10 -4.59
N SER A 686 32.16 -15.26 -5.10
CA SER A 686 33.10 -15.66 -6.13
C SER A 686 34.06 -16.76 -5.64
P PO4 B . -2.77 -9.63 18.18
O1 PO4 B . -2.84 -9.13 19.57
O2 PO4 B . -1.48 -9.22 17.56
O3 PO4 B . -2.87 -11.11 18.17
O4 PO4 B . -3.90 -9.06 17.39
P PO4 C . 24.79 5.00 -2.27
O1 PO4 C . 25.96 4.74 -3.16
O2 PO4 C . 24.27 3.70 -1.75
O3 PO4 C . 25.21 5.86 -1.13
O4 PO4 C . 23.72 5.69 -3.04
P PO4 D . 24.42 1.38 3.88
O1 PO4 D . 24.55 2.72 4.51
O2 PO4 D . 23.40 0.58 4.61
O3 PO4 D . 24.01 1.54 2.46
O4 PO4 D . 25.73 0.68 3.94
P PO4 E . -19.30 5.57 -1.08
O1 PO4 E . -17.93 5.84 -1.59
O2 PO4 E . -19.28 4.35 -0.24
O3 PO4 E . -19.75 6.74 -0.27
O4 PO4 E . -20.23 5.36 -2.21
P PO4 F . -1.12 2.35 -3.30
O1 PO4 F . -0.19 3.10 -4.17
O2 PO4 F . -0.54 1.03 -2.96
O3 PO4 F . -1.37 3.13 -2.05
O4 PO4 F . -2.42 2.16 -4.02
P PO4 G . -6.35 -3.95 10.28
O1 PO4 G . -6.09 -3.99 8.83
O2 PO4 G . -5.09 -4.23 11.02
O3 PO4 G . -6.86 -2.59 10.66
O4 PO4 G . -7.38 -4.97 10.63
P PO4 H . 26.72 -0.75 -0.52
O1 PO4 H . 27.63 0.32 -1.01
O2 PO4 H . 27.01 -1.01 0.90
O3 PO4 H . 25.32 -0.31 -0.65
O4 PO4 H . 26.95 -2.00 -1.30
P PO4 I . 20.51 -5.44 -10.29
O1 PO4 I . 21.37 -4.35 -10.80
O2 PO4 I . 20.73 -6.67 -11.10
O3 PO4 I . 20.86 -5.71 -8.86
O4 PO4 I . 19.08 -5.04 -10.39
P PO4 J . -1.71 7.88 -24.77
O1 PO4 J . -2.56 9.06 -25.10
O2 PO4 J . -1.01 8.13 -23.48
O3 PO4 J . -2.58 6.67 -24.63
O4 PO4 J . -0.72 7.66 -25.84
P PO4 K . -0.25 12.20 0.69
O1 PO4 K . 1.05 12.26 1.40
O2 PO4 K . -0.83 10.85 0.88
O3 PO4 K . -1.18 13.23 1.24
O4 PO4 K . -0.05 12.43 -0.76
#